data_6OX0
#
_entry.id   6OX0
#
_cell.length_a   60.265
_cell.length_b   175.194
_cell.length_c   66.031
_cell.angle_alpha   90.00
_cell.angle_beta   92.80
_cell.angle_gamma   90.00
#
_symmetry.space_group_name_H-M   'P 1 21 1'
#
loop_
_entity.id
_entity.type
_entity.pdbx_description
1 polymer 'Actin Peptide'
2 polymer 'Histone-lysine N-methyltransferase setd3'
3 non-polymer SINEFUNGIN
4 non-polymer 1,2-ETHANEDIOL
5 water water
#
loop_
_entity_poly.entity_id
_entity_poly.type
_entity_poly.pdbx_seq_one_letter_code
_entity_poly.pdbx_strand_id
1 'polypeptide(L)' TLKYPIEHGIVTNWD Y,Z
2 'polypeptide(L)'
;GPLGSMGKKSRVKTQKSGTGATATVSPKEILNLTSELLQKCSSPAPGPGKEWEEYVQIRTLVEKIRKKQKGLSVTFDGKR
EDYFPDLMKWASENGASVEGFEMVNFKEEGFGLRATRDIKAEELFLWVPRKLLMTVESAKNSVLGPLYSQDRILQAMGNI
ALAFHLLCERASPNSFWQPYIQTLPSEYDTPLYFEEDEVRYLQSTQAIHDVFSQYKNTARQYAYFYKVIQTHPHANKLPL
KDSFTYEDYRWAVSSVMTRQNQIPTEDGSRVTLALIPLWDMCNHTNGLITTGYNLEDDRCECVALQDFRAGEQIYIFYGT
RSNAEFVIHSGFFFDNNSHDRVKIKLGVSKSDRLYAMKAEVLARAGIPTSSVFALHFTEPPISAQLLAFLRVFCMTEEEL
KEHLLGDSAIDRIFTLGNSEFPVSWDNEVKLWTFLEDRASLLLKTYKTTIEEDKSVLKNHDLSVRAKMAIKLRLGEKEIL
EKAVKSAAVNREYYRQQMEEKAPLPKYEESNLGLLESSVGDSRLPLVLRNLEEEAGVQDALNIREAISKAKATENGLVNG
ENSIPNGTRSENESLNQESKRAVEDAKGSSSDSTAGVKE
;
A,B
#
# COMPACT_ATOMS: atom_id res chain seq x y z
N THR A 1 -20.95 29.39 13.76
CA THR A 1 -20.11 28.25 13.40
C THR A 1 -20.74 26.94 13.86
N LEU A 2 -19.96 25.86 13.77
CA LEU A 2 -20.44 24.55 14.20
C LEU A 2 -20.57 24.51 15.72
N LYS A 3 -21.79 24.22 16.20
CA LYS A 3 -22.00 24.17 17.64
C LYS A 3 -21.29 22.99 18.28
N TYR A 4 -21.19 21.86 17.57
CA TYR A 4 -20.53 20.66 18.09
C TYR A 4 -19.61 20.10 17.01
N PRO A 5 -18.48 20.75 16.74
CA PRO A 5 -17.57 20.25 15.72
C PRO A 5 -17.00 18.90 16.11
N ILE A 6 -16.91 18.00 15.12
CA ILE A 6 -16.47 16.62 15.34
C ILE A 6 -15.08 16.48 14.75
N GLU A 7 -14.12 16.11 15.60
CA GLU A 7 -12.72 15.97 15.22
C GLU A 7 -12.41 14.49 15.03
N HIS A 8 -12.13 14.10 13.78
CA HIS A 8 -11.85 12.71 13.45
C HIS A 8 -10.54 12.27 14.09
N GLY A 9 -10.60 11.29 14.97
CA GLY A 9 -9.41 10.82 15.67
C GLY A 9 -8.89 11.77 16.71
N ILE A 10 -9.78 12.48 17.42
CA ILE A 10 -9.36 13.42 18.44
C ILE A 10 -8.47 12.72 19.46
N VAL A 11 -7.37 13.37 19.83
CA VAL A 11 -6.38 12.77 20.71
C VAL A 11 -6.91 12.77 22.13
N THR A 12 -6.83 11.61 22.78
CA THR A 12 -7.21 11.44 24.17
C THR A 12 -6.00 10.96 24.97
N ASN A 13 -6.13 11.02 26.29
CA ASN A 13 -5.08 10.56 27.18
C ASN A 13 -5.23 9.06 27.41
N TRP A 14 -4.13 8.32 27.24
CA TRP A 14 -4.11 6.89 27.51
C TRP A 14 -3.26 6.53 28.71
N ASP A 15 -2.65 7.52 29.38
CA ASP A 15 -1.79 7.27 30.53
C ASP A 15 -2.58 6.69 31.69
N SER B 26 -0.17 -24.14 28.77
CA SER B 26 -0.16 -22.88 28.04
C SER B 26 -0.98 -21.75 28.69
N PRO B 27 -2.20 -22.02 29.19
CA PRO B 27 -2.92 -20.96 29.91
C PRO B 27 -2.16 -20.45 31.12
N LYS B 28 -1.54 -21.34 31.88
CA LYS B 28 -0.76 -20.91 33.04
C LYS B 28 0.51 -20.19 32.61
N GLU B 29 1.03 -20.49 31.42
CA GLU B 29 2.24 -19.82 30.95
C GLU B 29 1.94 -18.38 30.55
N ILE B 30 0.79 -18.15 29.90
CA ILE B 30 0.41 -16.78 29.56
C ILE B 30 0.15 -15.97 30.82
N LEU B 31 -0.42 -16.61 31.85
CA LEU B 31 -0.61 -15.93 33.13
C LEU B 31 0.72 -15.48 33.72
N ASN B 32 1.74 -16.33 33.64
CA ASN B 32 3.05 -15.97 34.17
C ASN B 32 3.69 -14.86 33.35
N LEU B 33 3.53 -14.91 32.02
CA LEU B 33 4.13 -13.89 31.17
C LEU B 33 3.42 -12.55 31.33
N THR B 34 2.09 -12.57 31.42
CA THR B 34 1.35 -11.32 31.60
C THR B 34 1.59 -10.72 32.99
N SER B 35 1.72 -11.58 34.01
CA SER B 35 2.07 -11.08 35.34
C SER B 35 3.45 -10.44 35.33
N GLU B 36 4.41 -11.06 34.63
CA GLU B 36 5.73 -10.45 34.48
C GLU B 36 5.63 -9.15 33.68
N LEU B 37 4.78 -9.14 32.66
CA LEU B 37 4.60 -7.92 31.87
C LEU B 37 3.93 -6.82 32.68
N LEU B 38 2.96 -7.19 33.52
CA LEU B 38 2.29 -6.19 34.35
C LEU B 38 3.25 -5.55 35.34
N GLN B 39 4.16 -6.35 35.92
CA GLN B 39 5.09 -5.81 36.91
C GLN B 39 6.17 -4.97 36.26
N LYS B 40 6.68 -5.39 35.10
CA LYS B 40 7.72 -4.62 34.43
C LYS B 40 7.17 -3.30 33.89
N CYS B 41 5.91 -3.30 33.43
CA CYS B 41 5.30 -2.09 32.89
C CYS B 41 4.67 -1.21 33.96
N SER B 42 4.52 -1.71 35.20
CA SER B 42 4.06 -0.88 36.30
C SER B 42 5.22 -0.19 37.03
N SER B 43 6.45 -0.56 36.72
CA SER B 43 7.60 0.07 37.36
C SER B 43 7.73 1.52 36.90
N PRO B 44 8.32 2.38 37.73
CA PRO B 44 8.56 3.76 37.31
C PRO B 44 9.57 3.82 36.17
N ALA B 45 9.59 4.97 35.51
CA ALA B 45 10.53 5.17 34.42
C ALA B 45 11.96 5.09 34.94
N PRO B 46 12.83 4.29 34.34
CA PRO B 46 14.19 4.12 34.87
C PRO B 46 15.11 5.27 34.45
N GLY B 47 14.55 6.45 34.25
CA GLY B 47 15.31 7.57 33.76
C GLY B 47 15.33 7.59 32.24
N PRO B 48 15.25 8.78 31.66
CA PRO B 48 15.23 8.88 30.18
C PRO B 48 16.47 8.30 29.52
N GLY B 49 17.58 8.15 30.24
CA GLY B 49 18.78 7.57 29.66
C GLY B 49 18.67 6.08 29.40
N LYS B 50 17.73 5.40 30.05
CA LYS B 50 17.53 3.98 29.87
C LYS B 50 16.14 3.64 29.37
N GLU B 51 15.43 4.62 28.81
CA GLU B 51 14.08 4.36 28.31
C GLU B 51 14.09 3.49 27.07
N TRP B 52 15.12 3.61 26.22
CA TRP B 52 15.22 2.72 25.06
C TRP B 52 15.44 1.28 25.49
N GLU B 53 16.30 1.07 26.49
CA GLU B 53 16.51 -0.28 27.00
C GLU B 53 15.23 -0.86 27.58
N GLU B 54 14.50 -0.05 28.35
CA GLU B 54 13.21 -0.50 28.88
C GLU B 54 12.24 -0.82 27.76
N TYR B 55 12.22 0.02 26.72
CA TYR B 55 11.33 -0.22 25.58
C TYR B 55 11.63 -1.56 24.91
N VAL B 56 12.92 -1.83 24.66
CA VAL B 56 13.29 -3.10 24.05
C VAL B 56 12.96 -4.27 24.98
N GLN B 57 13.16 -4.08 26.29
CA GLN B 57 12.81 -5.12 27.24
C GLN B 57 11.31 -5.42 27.20
N ILE B 58 10.48 -4.38 27.15
CA ILE B 58 9.04 -4.59 27.08
C ILE B 58 8.65 -5.21 25.75
N ARG B 59 9.28 -4.76 24.65
CA ARG B 59 9.03 -5.36 23.34
C ARG B 59 9.30 -6.86 23.36
N THR B 60 10.42 -7.26 23.98
CA THR B 60 10.80 -8.67 24.00
C THR B 60 9.72 -9.53 24.67
N LEU B 61 9.16 -9.04 25.78
CA LEU B 61 8.16 -9.81 26.49
C LEU B 61 6.83 -9.81 25.76
N VAL B 62 6.47 -8.67 25.14
CA VAL B 62 5.23 -8.61 24.36
C VAL B 62 5.32 -9.52 23.15
N GLU B 63 6.46 -9.52 22.46
CA GLU B 63 6.62 -10.38 21.29
C GLU B 63 6.64 -11.86 21.67
N LYS B 64 7.17 -12.19 22.86
CA LYS B 64 7.12 -13.57 23.32
C LYS B 64 5.69 -14.00 23.61
N ILE B 65 4.89 -13.11 24.20
CA ILE B 65 3.48 -13.40 24.40
C ILE B 65 2.75 -13.51 23.07
N ARG B 66 3.05 -12.58 22.15
CA ARG B 66 2.36 -12.58 20.86
C ARG B 66 2.68 -13.82 20.04
N LYS B 67 3.94 -14.28 20.10
CA LYS B 67 4.32 -15.48 19.37
C LYS B 67 3.66 -16.73 19.94
N LYS B 68 3.25 -16.71 21.20
CA LYS B 68 2.58 -17.84 21.83
C LYS B 68 1.06 -17.76 21.73
N GLN B 69 0.53 -16.68 21.17
CA GLN B 69 -0.90 -16.51 20.97
C GLN B 69 -1.22 -16.62 19.47
N LYS B 70 -2.51 -16.72 19.18
CA LYS B 70 -2.98 -16.98 17.82
C LYS B 70 -3.52 -15.72 17.14
N GLY B 71 -2.88 -14.57 17.38
CA GLY B 71 -3.30 -13.35 16.72
C GLY B 71 -4.67 -12.86 17.19
N LEU B 72 -5.41 -12.26 16.27
CA LEU B 72 -6.76 -11.81 16.57
C LEU B 72 -7.64 -13.00 16.92
N SER B 73 -8.38 -12.88 18.02
CA SER B 73 -9.25 -13.97 18.45
C SER B 73 -10.34 -14.25 17.43
N VAL B 74 -10.86 -13.21 16.79
CA VAL B 74 -11.92 -13.32 15.80
C VAL B 74 -11.42 -12.76 14.48
N THR B 75 -11.51 -13.58 13.42
CA THR B 75 -11.21 -13.15 12.07
C THR B 75 -12.37 -13.53 11.16
N PHE B 76 -12.56 -12.74 10.12
CA PHE B 76 -13.69 -12.92 9.21
C PHE B 76 -13.22 -13.57 7.91
N ASP B 77 -14.08 -14.41 7.34
CA ASP B 77 -13.69 -15.19 6.18
C ASP B 77 -13.54 -14.35 4.93
N GLY B 78 -14.39 -13.33 4.78
CA GLY B 78 -14.36 -12.52 3.58
C GLY B 78 -13.32 -11.43 3.62
N LYS B 79 -13.06 -10.86 2.46
CA LYS B 79 -12.18 -9.71 2.36
C LYS B 79 -12.88 -8.47 2.94
N ARG B 80 -12.09 -7.43 3.18
CA ARG B 80 -12.64 -6.22 3.79
C ARG B 80 -13.70 -5.59 2.90
N GLU B 81 -13.46 -5.54 1.59
CA GLU B 81 -14.43 -4.96 0.68
C GLU B 81 -15.67 -5.82 0.50
N ASP B 82 -15.61 -7.10 0.89
CA ASP B 82 -16.79 -7.96 0.80
C ASP B 82 -17.88 -7.56 1.78
N TYR B 83 -17.55 -6.79 2.81
CA TYR B 83 -18.52 -6.42 3.83
C TYR B 83 -19.01 -4.98 3.72
N PHE B 84 -18.41 -4.18 2.83
CA PHE B 84 -18.89 -2.82 2.62
C PHE B 84 -20.34 -2.76 2.14
N PRO B 85 -20.83 -3.63 1.24
CA PRO B 85 -22.26 -3.58 0.92
C PRO B 85 -23.15 -3.78 2.13
N ASP B 86 -22.74 -4.62 3.08
CA ASP B 86 -23.53 -4.80 4.29
C ASP B 86 -23.47 -3.57 5.19
N LEU B 87 -22.35 -2.85 5.18
CA LEU B 87 -22.28 -1.59 5.92
C LEU B 87 -23.27 -0.58 5.34
N MET B 88 -23.36 -0.51 4.01
CA MET B 88 -24.28 0.43 3.37
C MET B 88 -25.72 0.07 3.65
N LYS B 89 -26.06 -1.21 3.56
CA LYS B 89 -27.43 -1.64 3.83
C LYS B 89 -27.81 -1.39 5.29
N TRP B 90 -26.89 -1.69 6.21
CA TRP B 90 -27.13 -1.47 7.63
C TRP B 90 -27.28 0.01 7.95
N ALA B 91 -26.42 0.85 7.36
CA ALA B 91 -26.50 2.28 7.63
C ALA B 91 -27.75 2.89 6.99
N SER B 92 -28.15 2.39 5.82
CA SER B 92 -29.34 2.90 5.16
C SER B 92 -30.60 2.55 5.94
N GLU B 93 -30.66 1.33 6.50
CA GLU B 93 -31.82 0.93 7.30
C GLU B 93 -32.01 1.80 8.53
N ASN B 94 -30.96 2.47 9.00
CA ASN B 94 -31.01 3.27 10.21
C ASN B 94 -30.93 4.77 9.92
N GLY B 95 -31.18 5.18 8.69
CA GLY B 95 -31.34 6.59 8.37
C GLY B 95 -30.10 7.33 7.94
N ALA B 96 -29.01 6.63 7.64
CA ALA B 96 -27.79 7.30 7.21
C ALA B 96 -27.78 7.49 5.69
N SER B 97 -27.01 8.47 5.26
CA SER B 97 -26.80 8.69 3.83
C SER B 97 -25.93 7.58 3.25
N VAL B 98 -26.37 7.01 2.13
CA VAL B 98 -25.65 5.93 1.47
C VAL B 98 -25.49 6.13 -0.02
N GLU B 99 -25.99 7.24 -0.57
CA GLU B 99 -25.93 7.50 -2.00
C GLU B 99 -24.95 8.62 -2.28
N GLY B 100 -24.34 8.57 -3.47
CA GLY B 100 -23.43 9.61 -3.91
C GLY B 100 -21.96 9.31 -3.73
N PHE B 101 -21.60 8.18 -3.15
CA PHE B 101 -20.20 7.84 -2.93
C PHE B 101 -20.03 6.32 -2.95
N GLU B 102 -18.78 5.89 -3.08
CA GLU B 102 -18.43 4.48 -3.08
C GLU B 102 -17.11 4.28 -2.33
N MET B 103 -16.90 3.06 -1.85
CA MET B 103 -15.66 2.71 -1.17
CA MET B 103 -15.66 2.71 -1.17
C MET B 103 -14.60 2.33 -2.19
N VAL B 104 -13.41 2.91 -2.06
CA VAL B 104 -12.29 2.65 -2.95
C VAL B 104 -11.02 2.48 -2.12
N ASN B 105 -10.21 1.49 -2.47
CA ASN B 105 -8.92 1.26 -1.83
C ASN B 105 -7.88 2.14 -2.52
N PHE B 106 -7.58 3.29 -1.92
CA PHE B 106 -6.58 4.21 -2.46
C PHE B 106 -5.19 3.80 -1.99
N LYS B 107 -4.20 4.07 -2.82
CA LYS B 107 -2.82 3.70 -2.50
CA LYS B 107 -2.83 3.68 -2.50
C LYS B 107 -2.27 4.51 -1.34
N GLU B 108 -2.44 5.84 -1.39
CA GLU B 108 -1.84 6.70 -0.39
C GLU B 108 -2.51 6.54 0.97
N GLU B 109 -3.83 6.59 1.01
CA GLU B 109 -4.54 6.68 2.28
C GLU B 109 -5.22 5.39 2.71
N GLY B 110 -5.20 4.36 1.86
CA GLY B 110 -6.01 3.18 2.14
C GLY B 110 -7.43 3.37 1.64
N PHE B 111 -8.34 2.60 2.21
CA PHE B 111 -9.75 2.71 1.84
C PHE B 111 -10.30 4.08 2.21
N GLY B 112 -11.21 4.58 1.37
CA GLY B 112 -11.84 5.85 1.60
C GLY B 112 -13.07 5.98 0.74
N LEU B 113 -13.67 7.18 0.78
CA LEU B 113 -14.86 7.49 -0.01
C LEU B 113 -14.48 8.19 -1.30
N ARG B 114 -15.15 7.82 -2.38
CA ARG B 114 -14.99 8.49 -3.67
C ARG B 114 -16.37 8.90 -4.16
N ALA B 115 -16.48 10.15 -4.61
CA ALA B 115 -17.75 10.66 -5.11
C ALA B 115 -18.16 9.94 -6.39
N THR B 116 -19.44 9.60 -6.50
CA THR B 116 -20.02 9.08 -7.73
C THR B 116 -20.85 10.14 -8.45
N ARG B 117 -20.92 11.34 -7.90
CA ARG B 117 -21.61 12.48 -8.49
C ARG B 117 -20.87 13.73 -8.04
N ASP B 118 -21.12 14.83 -8.75
CA ASP B 118 -20.52 16.11 -8.35
C ASP B 118 -21.12 16.56 -7.02
N ILE B 119 -20.25 16.85 -6.06
CA ILE B 119 -20.67 17.33 -4.75
C ILE B 119 -20.09 18.73 -4.56
N LYS B 120 -20.97 19.71 -4.38
CA LYS B 120 -20.52 21.08 -4.21
C LYS B 120 -20.08 21.31 -2.76
N ALA B 121 -19.12 22.22 -2.60
CA ALA B 121 -18.70 22.61 -1.27
C ALA B 121 -19.89 23.09 -0.44
N GLU B 122 -19.85 22.79 0.85
CA GLU B 122 -20.86 23.11 1.87
C GLU B 122 -22.16 22.33 1.69
N GLU B 123 -22.23 21.38 0.75
CA GLU B 123 -23.41 20.55 0.62
C GLU B 123 -23.42 19.47 1.70
N LEU B 124 -24.55 19.34 2.39
CA LEU B 124 -24.72 18.28 3.37
C LEU B 124 -24.90 16.96 2.63
N PHE B 125 -23.80 16.21 2.50
CA PHE B 125 -23.79 14.98 1.72
C PHE B 125 -23.68 13.72 2.55
N LEU B 126 -23.39 13.84 3.85
CA LEU B 126 -23.14 12.68 4.71
C LEU B 126 -23.77 12.94 6.06
N TRP B 127 -24.59 12.00 6.53
CA TRP B 127 -25.18 12.11 7.86
C TRP B 127 -25.33 10.72 8.45
N VAL B 128 -25.06 10.61 9.76
CA VAL B 128 -25.08 9.34 10.48
C VAL B 128 -25.86 9.51 11.77
N PRO B 129 -27.04 8.91 11.90
CA PRO B 129 -27.79 9.01 13.15
C PRO B 129 -27.07 8.34 14.32
N ARG B 130 -27.44 8.77 15.53
CA ARG B 130 -26.77 8.30 16.73
C ARG B 130 -26.94 6.80 16.93
N LYS B 131 -28.04 6.22 16.43
CA LYS B 131 -28.30 4.80 16.64
C LYS B 131 -27.19 3.92 16.05
N LEU B 132 -26.47 4.41 15.06
CA LEU B 132 -25.39 3.64 14.45
C LEU B 132 -24.08 3.74 15.21
N LEU B 133 -23.92 4.75 16.05
CA LEU B 133 -22.65 5.01 16.69
C LEU B 133 -22.36 4.00 17.80
N MET B 134 -21.08 3.75 18.04
CA MET B 134 -20.61 3.04 19.23
C MET B 134 -20.09 4.09 20.20
N THR B 135 -20.67 4.16 21.39
CA THR B 135 -20.35 5.19 22.37
C THR B 135 -20.01 4.54 23.69
N VAL B 136 -19.47 5.35 24.61
CA VAL B 136 -19.28 4.90 25.98
C VAL B 136 -20.60 4.51 26.59
N GLU B 137 -21.66 5.25 26.28
CA GLU B 137 -23.00 4.89 26.77
C GLU B 137 -23.45 3.55 26.20
N SER B 138 -23.22 3.32 24.91
CA SER B 138 -23.54 2.02 24.34
C SER B 138 -22.67 0.93 24.94
N ALA B 139 -21.43 1.25 25.30
CA ALA B 139 -20.58 0.28 25.99
C ALA B 139 -21.13 -0.05 27.36
N LYS B 140 -21.66 0.95 28.07
CA LYS B 140 -22.17 0.71 29.43
C LYS B 140 -23.41 -0.17 29.42
N ASN B 141 -24.18 -0.15 28.33
CA ASN B 141 -25.41 -0.93 28.23
C ASN B 141 -25.22 -2.25 27.51
N SER B 142 -23.97 -2.62 27.20
CA SER B 142 -23.69 -3.85 26.48
C SER B 142 -23.33 -4.96 27.47
N VAL B 143 -22.78 -6.06 26.95
CA VAL B 143 -22.30 -7.14 27.81
C VAL B 143 -21.14 -6.67 28.69
N LEU B 144 -20.44 -5.61 28.28
CA LEU B 144 -19.37 -5.03 29.08
C LEU B 144 -19.89 -4.27 30.30
N GLY B 145 -21.20 -4.04 30.38
CA GLY B 145 -21.81 -3.30 31.47
C GLY B 145 -21.37 -3.69 32.86
N PRO B 146 -21.60 -4.94 33.25
CA PRO B 146 -21.22 -5.36 34.62
C PRO B 146 -19.76 -5.10 34.96
N LEU B 147 -18.83 -5.44 34.07
CA LEU B 147 -17.42 -5.19 34.34
C LEU B 147 -17.12 -3.69 34.34
N TYR B 148 -17.79 -2.93 33.47
CA TYR B 148 -17.59 -1.49 33.44
C TYR B 148 -17.93 -0.85 34.77
N SER B 149 -19.04 -1.27 35.40
CA SER B 149 -19.48 -0.68 36.65
CA SER B 149 -19.48 -0.68 36.65
C SER B 149 -18.58 -1.02 37.82
N GLN B 150 -17.60 -1.90 37.64
CA GLN B 150 -16.71 -2.32 38.71
C GLN B 150 -15.27 -1.86 38.53
N ASP B 151 -14.77 -1.78 37.30
CA ASP B 151 -13.38 -1.46 37.03
C ASP B 151 -13.21 0.07 36.96
N ARG B 152 -12.29 0.59 37.77
CA ARG B 152 -12.13 2.04 37.86
C ARG B 152 -11.44 2.61 36.61
N ILE B 153 -10.65 1.80 35.90
CA ILE B 153 -9.98 2.30 34.71
C ILE B 153 -10.97 2.43 33.56
N LEU B 154 -11.92 1.51 33.47
CA LEU B 154 -12.96 1.62 32.43
C LEU B 154 -13.85 2.82 32.68
N GLN B 155 -14.15 3.12 33.95
CA GLN B 155 -15.01 4.26 34.26
C GLN B 155 -14.32 5.59 34.00
N ALA B 156 -13.00 5.66 34.20
CA ALA B 156 -12.27 6.90 34.06
C ALA B 156 -11.73 7.15 32.66
N MET B 157 -11.60 6.11 31.84
CA MET B 157 -11.00 6.21 30.51
CA MET B 157 -11.01 6.22 30.51
C MET B 157 -12.01 5.70 29.49
N GLY B 158 -12.79 6.62 28.91
CA GLY B 158 -13.79 6.24 27.92
C GLY B 158 -13.18 5.66 26.67
N ASN B 159 -11.96 6.07 26.32
CA ASN B 159 -11.30 5.53 25.13
C ASN B 159 -10.97 4.05 25.32
N ILE B 160 -10.53 3.67 26.52
CA ILE B 160 -10.29 2.25 26.79
C ILE B 160 -11.60 1.49 26.83
N ALA B 161 -12.66 2.12 27.37
CA ALA B 161 -13.97 1.49 27.37
C ALA B 161 -14.46 1.21 25.96
N LEU B 162 -14.25 2.16 25.04
CA LEU B 162 -14.62 1.93 23.64
C LEU B 162 -13.82 0.78 23.05
N ALA B 163 -12.55 0.64 23.44
CA ALA B 163 -11.72 -0.43 22.90
C ALA B 163 -12.29 -1.79 23.27
N PHE B 164 -12.69 -1.97 24.53
CA PHE B 164 -13.29 -3.24 24.94
C PHE B 164 -14.70 -3.38 24.40
N HIS B 165 -15.41 -2.27 24.21
CA HIS B 165 -16.70 -2.33 23.53
C HIS B 165 -16.54 -2.89 22.12
N LEU B 166 -15.50 -2.48 21.41
CA LEU B 166 -15.21 -3.03 20.08
C LEU B 166 -14.92 -4.51 20.15
N LEU B 167 -14.08 -4.93 21.10
CA LEU B 167 -13.67 -6.32 21.18
C LEU B 167 -14.84 -7.24 21.52
N CYS B 168 -15.65 -6.84 22.51
CA CYS B 168 -16.79 -7.68 22.91
C CYS B 168 -17.79 -7.82 21.77
N GLU B 169 -18.07 -6.73 21.05
CA GLU B 169 -19.01 -6.81 19.93
C GLU B 169 -18.38 -7.51 18.73
N ARG B 170 -17.07 -7.36 18.54
CA ARG B 170 -16.40 -8.09 17.46
C ARG B 170 -16.55 -9.59 17.64
N ALA B 171 -16.44 -10.07 18.87
CA ALA B 171 -16.56 -11.48 19.18
C ALA B 171 -18.00 -11.92 19.40
N SER B 172 -18.98 -11.06 19.12
CA SER B 172 -20.38 -11.41 19.22
C SER B 172 -20.97 -11.50 17.82
N PRO B 173 -21.27 -12.71 17.33
CA PRO B 173 -21.71 -12.84 15.93
C PRO B 173 -23.01 -12.10 15.61
N ASN B 174 -23.89 -11.94 16.59
CA ASN B 174 -25.18 -11.27 16.39
C ASN B 174 -25.16 -9.83 16.86
N SER B 175 -24.00 -9.19 16.88
CA SER B 175 -23.90 -7.82 17.34
C SER B 175 -24.54 -6.87 16.34
N PHE B 176 -25.19 -5.82 16.87
CA PHE B 176 -25.80 -4.81 16.02
C PHE B 176 -24.76 -4.08 15.17
N TRP B 177 -23.52 -4.00 15.64
CA TRP B 177 -22.48 -3.24 14.96
C TRP B 177 -21.57 -4.12 14.11
N GLN B 178 -21.93 -5.39 13.91
CA GLN B 178 -21.13 -6.27 13.05
C GLN B 178 -20.85 -5.70 11.67
N PRO B 179 -21.80 -5.09 10.95
CA PRO B 179 -21.45 -4.51 9.64
C PRO B 179 -20.35 -3.46 9.71
N TYR B 180 -20.26 -2.72 10.83
CA TYR B 180 -19.20 -1.75 10.99
C TYR B 180 -17.87 -2.41 11.35
N ILE B 181 -17.90 -3.37 12.28
CA ILE B 181 -16.66 -4.00 12.74
C ILE B 181 -16.02 -4.82 11.61
N GLN B 182 -16.84 -5.49 10.80
CA GLN B 182 -16.29 -6.31 9.72
C GLN B 182 -15.67 -5.49 8.60
N THR B 183 -15.96 -4.18 8.53
CA THR B 183 -15.36 -3.31 7.54
C THR B 183 -14.19 -2.50 8.09
N LEU B 184 -13.86 -2.67 9.37
CA LEU B 184 -12.70 -1.99 9.94
C LEU B 184 -11.41 -2.64 9.43
N PRO B 185 -10.31 -1.89 9.44
CA PRO B 185 -9.02 -2.49 9.11
C PRO B 185 -8.64 -3.59 10.09
N SER B 186 -7.74 -4.47 9.65
CA SER B 186 -7.20 -5.51 10.52
C SER B 186 -5.84 -5.15 11.10
N GLU B 187 -5.21 -4.08 10.60
CA GLU B 187 -3.93 -3.62 11.12
C GLU B 187 -3.86 -2.11 10.88
N TYR B 188 -2.89 -1.48 11.55
CA TYR B 188 -2.73 -0.03 11.49
C TYR B 188 -1.25 0.30 11.40
N ASP B 189 -0.97 1.59 11.18
CA ASP B 189 0.40 2.09 11.14
C ASP B 189 0.72 2.97 12.34
N THR B 190 0.00 2.76 13.46
CA THR B 190 0.41 3.36 14.71
C THR B 190 1.74 2.76 15.15
N PRO B 191 2.52 3.48 15.97
CA PRO B 191 3.83 2.95 16.39
C PRO B 191 3.76 1.61 17.09
N LEU B 192 2.58 1.22 17.60
CA LEU B 192 2.42 -0.11 18.19
C LEU B 192 2.73 -1.23 17.20
N TYR B 193 2.64 -0.95 15.90
CA TYR B 193 2.91 -1.94 14.87
C TYR B 193 4.31 -1.81 14.27
N PHE B 194 5.10 -0.83 14.70
CA PHE B 194 6.42 -0.63 14.14
C PHE B 194 7.38 -1.74 14.56
N GLU B 195 8.35 -2.03 13.70
CA GLU B 195 9.47 -2.86 14.10
C GLU B 195 10.45 -2.05 14.95
N GLU B 196 11.32 -2.77 15.66
CA GLU B 196 12.26 -2.10 16.57
C GLU B 196 13.14 -1.12 15.82
N ASP B 197 13.67 -1.52 14.66
CA ASP B 197 14.55 -0.63 13.91
C ASP B 197 13.80 0.56 13.30
N GLU B 198 12.48 0.44 13.13
CA GLU B 198 11.71 1.58 12.63
C GLU B 198 11.52 2.63 13.73
N VAL B 199 11.31 2.20 14.97
CA VAL B 199 11.26 3.14 16.09
C VAL B 199 12.65 3.70 16.38
N ARG B 200 13.71 2.92 16.12
CA ARG B 200 15.06 3.38 16.41
C ARG B 200 15.42 4.66 15.68
N TYR B 201 14.79 4.89 14.51
CA TYR B 201 15.02 6.15 13.80
C TYR B 201 14.66 7.35 14.67
N LEU B 202 13.73 7.19 15.61
CA LEU B 202 13.23 8.30 16.42
C LEU B 202 14.08 8.55 17.66
N GLN B 203 15.23 7.89 17.80
CA GLN B 203 16.09 8.16 18.94
C GLN B 203 16.53 9.61 18.96
N SER B 204 16.57 10.18 20.18
CA SER B 204 16.97 11.57 20.45
CA SER B 204 16.95 11.56 20.45
C SER B 204 15.94 12.59 19.96
N THR B 205 14.71 12.17 19.68
CA THR B 205 13.65 13.11 19.28
C THR B 205 12.67 13.32 20.44
N GLN B 206 11.80 14.31 20.27
CA GLN B 206 10.72 14.51 21.23
C GLN B 206 9.68 13.41 21.13
N ALA B 207 9.37 12.96 19.92
CA ALA B 207 8.23 12.08 19.72
C ALA B 207 8.46 10.70 20.30
N ILE B 208 9.71 10.24 20.37
CA ILE B 208 9.96 8.85 20.78
C ILE B 208 9.49 8.61 22.20
N HIS B 209 9.50 9.65 23.05
CA HIS B 209 9.04 9.46 24.41
CA HIS B 209 9.03 9.49 24.42
C HIS B 209 7.55 9.17 24.46
N ASP B 210 6.77 9.80 23.57
CA ASP B 210 5.35 9.45 23.47
C ASP B 210 5.16 8.08 22.85
N VAL B 211 6.06 7.67 21.95
CA VAL B 211 6.05 6.31 21.44
C VAL B 211 6.36 5.32 22.56
N PHE B 212 7.36 5.64 23.39
CA PHE B 212 7.67 4.81 24.55
C PHE B 212 6.46 4.68 25.46
N SER B 213 5.83 5.81 25.80
CA SER B 213 4.69 5.79 26.70
C SER B 213 3.54 5.00 26.11
N GLN B 214 3.26 5.18 24.83
CA GLN B 214 2.16 4.44 24.18
C GLN B 214 2.40 2.94 24.26
N TYR B 215 3.62 2.50 23.97
CA TYR B 215 3.90 1.07 24.01
C TYR B 215 3.82 0.53 25.43
N LYS B 216 4.40 1.25 26.39
CA LYS B 216 4.36 0.81 27.78
C LYS B 216 2.94 0.81 28.32
N ASN B 217 2.17 1.86 28.02
CA ASN B 217 0.79 1.93 28.49
C ASN B 217 -0.03 0.79 27.92
N THR B 218 0.07 0.55 26.62
CA THR B 218 -0.69 -0.52 25.98
C THR B 218 -0.33 -1.88 26.56
N ALA B 219 0.97 -2.12 26.77
CA ALA B 219 1.40 -3.39 27.35
C ALA B 219 0.91 -3.53 28.80
N ARG B 220 1.01 -2.46 29.59
CA ARG B 220 0.52 -2.51 30.96
C ARG B 220 -0.99 -2.73 31.01
N GLN B 221 -1.72 -2.04 30.12
CA GLN B 221 -3.18 -2.17 30.10
C GLN B 221 -3.60 -3.58 29.70
N TYR B 222 -2.92 -4.16 28.71
CA TYR B 222 -3.27 -5.52 28.30
C TYR B 222 -3.08 -6.51 29.45
N ALA B 223 -1.92 -6.45 30.11
CA ALA B 223 -1.66 -7.35 31.22
C ALA B 223 -2.61 -7.10 32.38
N TYR B 224 -2.94 -5.83 32.62
CA TYR B 224 -3.87 -5.50 33.69
C TYR B 224 -5.25 -6.11 33.41
N PHE B 225 -5.81 -5.84 32.22
CA PHE B 225 -7.16 -6.31 31.93
C PHE B 225 -7.20 -7.81 31.71
N TYR B 226 -6.10 -8.41 31.23
CA TYR B 226 -6.05 -9.87 31.12
C TYR B 226 -6.23 -10.52 32.49
N LYS B 227 -5.59 -9.97 33.52
CA LYS B 227 -5.75 -10.50 34.86
C LYS B 227 -7.12 -10.14 35.43
N VAL B 228 -7.61 -8.94 35.12
CA VAL B 228 -8.92 -8.51 35.64
C VAL B 228 -10.03 -9.38 35.09
N ILE B 229 -9.97 -9.69 33.79
CA ILE B 229 -11.01 -10.51 33.17
C ILE B 229 -11.06 -11.90 33.78
N GLN B 230 -9.91 -12.45 34.17
CA GLN B 230 -9.89 -13.78 34.74
C GLN B 230 -10.32 -13.80 36.20
N THR B 231 -10.17 -12.69 36.92
CA THR B 231 -10.47 -12.64 38.34
C THR B 231 -11.85 -12.05 38.66
N HIS B 232 -12.39 -11.22 37.78
CA HIS B 232 -13.67 -10.58 38.07
C HIS B 232 -14.83 -11.47 37.61
N PRO B 233 -15.77 -11.79 38.49
CA PRO B 233 -16.95 -12.55 38.06
C PRO B 233 -17.85 -11.79 37.10
N HIS B 234 -17.72 -10.47 37.03
CA HIS B 234 -18.52 -9.66 36.12
C HIS B 234 -18.10 -9.82 34.67
N ALA B 235 -17.00 -10.53 34.40
CA ALA B 235 -16.51 -10.73 33.05
C ALA B 235 -16.72 -12.16 32.57
N ASN B 236 -17.50 -12.96 33.29
CA ASN B 236 -17.70 -14.35 32.89
C ASN B 236 -18.49 -14.46 31.59
N LYS B 237 -19.42 -13.54 31.35
CA LYS B 237 -20.23 -13.58 30.14
C LYS B 237 -19.53 -12.95 28.93
N LEU B 238 -18.34 -12.38 29.12
CA LEU B 238 -17.63 -11.78 28.00
C LEU B 238 -16.94 -12.87 27.17
N PRO B 239 -16.94 -12.73 25.85
CA PRO B 239 -16.13 -13.65 25.02
C PRO B 239 -14.64 -13.52 25.29
N LEU B 240 -14.20 -12.37 25.81
CA LEU B 240 -12.79 -12.18 26.14
C LEU B 240 -12.34 -13.10 27.27
N LYS B 241 -13.29 -13.64 28.04
CA LYS B 241 -12.93 -14.60 29.08
C LYS B 241 -12.29 -15.85 28.51
N ASP B 242 -12.69 -16.25 27.30
CA ASP B 242 -12.14 -17.44 26.67
C ASP B 242 -10.96 -17.15 25.76
N SER B 243 -10.85 -15.93 25.23
CA SER B 243 -9.74 -15.58 24.36
C SER B 243 -9.57 -14.07 24.37
N PHE B 244 -8.39 -13.60 24.76
CA PHE B 244 -8.08 -12.18 24.80
C PHE B 244 -6.56 -12.04 24.60
N THR B 245 -6.15 -11.86 23.35
CA THR B 245 -4.75 -11.82 22.99
C THR B 245 -4.24 -10.38 22.96
N TYR B 246 -2.91 -10.24 23.01
CA TYR B 246 -2.32 -8.91 22.87
C TYR B 246 -2.69 -8.30 21.52
N GLU B 247 -2.77 -9.13 20.48
CA GLU B 247 -3.17 -8.65 19.16
C GLU B 247 -4.56 -8.02 19.23
N ASP B 248 -5.47 -8.65 19.97
CA ASP B 248 -6.81 -8.08 20.16
C ASP B 248 -6.73 -6.67 20.72
N TYR B 249 -5.96 -6.49 21.80
CA TYR B 249 -5.92 -5.20 22.47
C TYR B 249 -5.21 -4.16 21.61
N ARG B 250 -4.09 -4.53 20.97
CA ARG B 250 -3.41 -3.60 20.09
C ARG B 250 -4.33 -3.15 18.96
N TRP B 251 -5.07 -4.08 18.36
CA TRP B 251 -6.01 -3.71 17.30
C TRP B 251 -7.12 -2.82 17.85
N ALA B 252 -7.60 -3.12 19.05
CA ALA B 252 -8.73 -2.37 19.60
C ALA B 252 -8.34 -0.94 19.92
N VAL B 253 -7.22 -0.74 20.62
CA VAL B 253 -6.83 0.62 20.97
C VAL B 253 -6.39 1.40 19.74
N SER B 254 -5.81 0.71 18.74
CA SER B 254 -5.44 1.40 17.51
C SER B 254 -6.67 1.78 16.70
N SER B 255 -7.69 0.92 16.71
CA SER B 255 -8.95 1.27 16.05
C SER B 255 -9.56 2.51 16.70
N VAL B 256 -9.50 2.60 18.02
CA VAL B 256 -10.11 3.73 18.73
C VAL B 256 -9.29 5.00 18.52
N MET B 257 -7.97 4.92 18.72
CA MET B 257 -7.17 6.15 18.66
C MET B 257 -7.14 6.74 17.26
N THR B 258 -7.25 5.91 16.22
CA THR B 258 -7.24 6.41 14.86
C THR B 258 -8.62 6.85 14.37
N ARG B 259 -9.69 6.58 15.12
CA ARG B 259 -11.03 6.85 14.61
C ARG B 259 -12.01 7.48 15.59
N GLN B 260 -11.69 7.59 16.89
CA GLN B 260 -12.69 8.04 17.86
C GLN B 260 -12.96 9.54 17.72
N ASN B 261 -14.13 9.94 18.24
CA ASN B 261 -14.61 11.32 18.13
C ASN B 261 -15.27 11.73 19.44
N GLN B 262 -15.28 13.04 19.70
CA GLN B 262 -16.03 13.61 20.80
C GLN B 262 -17.35 14.15 20.26
N ILE B 263 -18.45 13.74 20.88
CA ILE B 263 -19.78 14.22 20.51
C ILE B 263 -20.53 14.57 21.79
N PRO B 264 -21.53 15.45 21.70
CA PRO B 264 -22.37 15.71 22.87
C PRO B 264 -23.23 14.50 23.20
N THR B 265 -23.58 14.39 24.48
CA THR B 265 -24.54 13.38 24.87
C THR B 265 -25.92 13.71 24.29
N GLU B 266 -26.80 12.72 24.31
CA GLU B 266 -28.15 12.93 23.81
C GLU B 266 -28.86 14.03 24.59
N ASP B 267 -28.50 14.20 25.87
CA ASP B 267 -28.98 15.34 26.63
C ASP B 267 -28.44 16.65 26.08
N GLY B 268 -27.19 16.65 25.64
CA GLY B 268 -26.51 17.85 25.19
C GLY B 268 -25.74 18.59 26.28
N SER B 269 -25.75 18.08 27.50
CA SER B 269 -25.10 18.74 28.62
C SER B 269 -23.67 18.27 28.86
N ARG B 270 -23.28 17.13 28.30
CA ARG B 270 -21.96 16.56 28.50
C ARG B 270 -21.37 16.14 27.17
N VAL B 271 -20.10 15.74 27.19
CA VAL B 271 -19.41 15.23 26.02
C VAL B 271 -19.06 13.77 26.27
N THR B 272 -19.02 12.99 25.20
CA THR B 272 -18.69 11.57 25.27
C THR B 272 -17.85 11.20 24.06
N LEU B 273 -17.30 9.99 24.09
CA LEU B 273 -16.47 9.49 23.01
C LEU B 273 -17.27 8.48 22.18
N ALA B 274 -17.09 8.52 20.86
CA ALA B 274 -17.90 7.72 19.97
C ALA B 274 -17.12 7.33 18.72
N LEU B 275 -17.45 6.15 18.19
CA LEU B 275 -17.04 5.73 16.86
C LEU B 275 -18.19 5.98 15.91
N ILE B 276 -17.93 6.64 14.79
CA ILE B 276 -18.97 7.05 13.86
C ILE B 276 -18.83 6.26 12.57
N PRO B 277 -19.63 5.21 12.38
CA PRO B 277 -19.50 4.39 11.17
C PRO B 277 -19.75 5.17 9.90
N LEU B 278 -19.24 4.63 8.79
CA LEU B 278 -19.40 5.17 7.44
C LEU B 278 -18.66 6.49 7.27
N TRP B 279 -19.00 7.49 8.08
CA TRP B 279 -18.33 8.79 7.97
C TRP B 279 -16.84 8.69 8.27
N ASP B 280 -16.45 7.81 9.21
CA ASP B 280 -15.03 7.77 9.57
C ASP B 280 -14.17 7.12 8.51
N MET B 281 -14.76 6.64 7.40
CA MET B 281 -13.97 6.19 6.26
C MET B 281 -13.34 7.33 5.49
N CYS B 282 -13.74 8.57 5.74
CA CYS B 282 -13.15 9.72 5.06
C CYS B 282 -11.71 9.91 5.48
N ASN B 283 -10.82 10.09 4.50
CA ASN B 283 -9.43 10.38 4.78
C ASN B 283 -9.21 11.87 4.91
N HIS B 284 -8.01 12.24 5.33
CA HIS B 284 -7.69 13.59 5.79
C HIS B 284 -7.01 14.40 4.70
N THR B 285 -7.44 15.66 4.58
CA THR B 285 -6.70 16.66 3.81
C THR B 285 -6.77 17.97 4.59
N ASN B 286 -6.01 18.96 4.13
CA ASN B 286 -5.97 20.23 4.84
C ASN B 286 -7.24 21.03 4.57
N GLY B 287 -7.65 21.80 5.58
CA GLY B 287 -8.84 22.62 5.46
C GLY B 287 -9.40 22.96 6.83
N LEU B 288 -10.72 23.03 6.91
CA LEU B 288 -11.43 23.32 8.13
C LEU B 288 -12.36 22.16 8.48
N ILE B 289 -12.67 22.04 9.77
CA ILE B 289 -13.63 21.02 10.21
C ILE B 289 -15.01 21.38 9.68
N THR B 290 -15.59 20.48 8.89
CA THR B 290 -16.93 20.66 8.34
C THR B 290 -17.90 19.61 8.84
N THR B 291 -17.53 18.85 9.87
CA THR B 291 -18.39 17.84 10.45
C THR B 291 -18.84 18.32 11.83
N GLY B 292 -20.15 18.33 12.05
CA GLY B 292 -20.70 18.73 13.32
C GLY B 292 -21.88 17.85 13.68
N TYR B 293 -22.20 17.84 14.97
CA TYR B 293 -23.31 17.04 15.47
C TYR B 293 -24.57 17.88 15.49
N ASN B 294 -25.64 17.36 14.87
CA ASN B 294 -26.95 18.00 14.87
C ASN B 294 -27.73 17.44 16.05
N LEU B 295 -27.93 18.27 17.08
CA LEU B 295 -28.62 17.80 18.27
C LEU B 295 -30.13 17.71 18.07
N GLU B 296 -30.69 18.56 17.22
CA GLU B 296 -32.13 18.52 16.99
C GLU B 296 -32.55 17.23 16.30
N ASP B 297 -31.79 16.79 15.30
CA ASP B 297 -32.06 15.54 14.60
C ASP B 297 -31.24 14.38 15.13
N ASP B 298 -30.36 14.62 16.11
CA ASP B 298 -29.60 13.57 16.79
C ASP B 298 -28.79 12.74 15.77
N ARG B 299 -27.90 13.43 15.05
CA ARG B 299 -27.10 12.75 14.04
C ARG B 299 -25.87 13.58 13.74
N CYS B 300 -24.81 12.88 13.32
N CYS B 300 -24.80 12.89 13.36
CA CYS B 300 -23.59 13.54 12.87
CA CYS B 300 -23.61 13.56 12.85
C CYS B 300 -23.74 13.98 11.41
C CYS B 300 -23.87 14.03 11.44
N GLU B 301 -23.40 15.23 11.13
CA GLU B 301 -23.59 15.82 9.81
C GLU B 301 -22.27 16.33 9.27
N CYS B 302 -22.01 16.02 7.99
CA CYS B 302 -20.78 16.44 7.33
C CYS B 302 -21.14 17.16 6.04
N VAL B 303 -20.67 18.40 5.89
CA VAL B 303 -20.82 19.13 4.65
C VAL B 303 -19.49 19.08 3.90
N ALA B 304 -19.56 19.19 2.58
CA ALA B 304 -18.38 19.03 1.75
C ALA B 304 -17.36 20.12 2.03
N LEU B 305 -16.14 19.69 2.38
CA LEU B 305 -15.05 20.64 2.63
C LEU B 305 -14.71 21.44 1.38
N GLN B 306 -14.88 20.85 0.21
CA GLN B 306 -14.59 21.50 -1.06
C GLN B 306 -15.42 20.82 -2.13
N ASP B 307 -15.36 21.35 -3.35
CA ASP B 307 -16.02 20.72 -4.47
C ASP B 307 -15.37 19.36 -4.75
N PHE B 308 -16.20 18.33 -4.87
CA PHE B 308 -15.75 16.98 -5.21
C PHE B 308 -16.43 16.55 -6.49
N ARG B 309 -15.67 16.44 -7.57
CA ARG B 309 -16.23 15.93 -8.81
C ARG B 309 -16.37 14.41 -8.73
N ALA B 310 -17.29 13.88 -9.53
CA ALA B 310 -17.43 12.44 -9.65
C ALA B 310 -16.09 11.80 -10.00
N GLY B 311 -15.70 10.79 -9.24
CA GLY B 311 -14.41 10.14 -9.41
C GLY B 311 -13.30 10.68 -8.54
N GLU B 312 -13.54 11.74 -7.77
CA GLU B 312 -12.56 12.29 -6.85
C GLU B 312 -12.81 11.76 -5.45
N GLN B 313 -11.73 11.55 -4.71
CA GLN B 313 -11.85 11.11 -3.32
C GLN B 313 -12.47 12.20 -2.47
N ILE B 314 -13.38 11.80 -1.58
CA ILE B 314 -13.99 12.72 -0.63
C ILE B 314 -13.11 12.77 0.61
N TYR B 315 -12.57 13.95 0.91
CA TYR B 315 -11.73 14.15 2.08
C TYR B 315 -12.49 14.99 3.11
N ILE B 316 -12.02 14.91 4.35
CA ILE B 316 -12.40 15.82 5.42
C ILE B 316 -11.13 16.33 6.08
N PHE B 317 -11.30 17.33 6.94
CA PHE B 317 -10.23 17.85 7.78
C PHE B 317 -10.39 17.22 9.15
N TYR B 318 -9.41 16.41 9.56
CA TYR B 318 -9.50 15.73 10.84
C TYR B 318 -9.42 16.72 11.99
N GLY B 319 -8.52 17.67 11.91
CA GLY B 319 -8.29 18.60 13.01
C GLY B 319 -6.90 19.21 12.91
N THR B 320 -6.68 20.21 13.76
CA THR B 320 -5.42 20.96 13.73
C THR B 320 -4.33 20.24 14.52
N ARG B 321 -4.14 18.95 14.25
CA ARG B 321 -3.19 18.16 15.00
C ARG B 321 -1.82 18.18 14.32
N SER B 322 -0.78 17.97 15.12
CA SER B 322 0.58 17.94 14.62
C SER B 322 0.87 16.59 13.96
N ASN B 323 1.98 16.55 13.21
CA ASN B 323 2.38 15.31 12.58
C ASN B 323 2.80 14.27 13.62
N ALA B 324 3.30 14.71 14.77
N ALA B 324 3.30 14.71 14.77
CA ALA B 324 3.58 13.78 15.86
CA ALA B 324 3.58 13.78 15.86
C ALA B 324 2.30 13.11 16.35
C ALA B 324 2.30 13.11 16.35
N GLU B 325 1.23 13.89 16.49
CA GLU B 325 -0.05 13.30 16.90
C GLU B 325 -0.64 12.45 15.78
N PHE B 326 -0.50 12.89 14.52
CA PHE B 326 -0.99 12.10 13.41
C PHE B 326 -0.28 10.76 13.32
N VAL B 327 1.04 10.74 13.54
CA VAL B 327 1.78 9.49 13.46
C VAL B 327 1.41 8.58 14.64
N ILE B 328 1.47 9.13 15.86
CA ILE B 328 1.35 8.30 17.05
C ILE B 328 -0.09 7.85 17.25
N HIS B 329 -1.06 8.74 17.02
CA HIS B 329 -2.46 8.44 17.31
C HIS B 329 -3.31 8.15 16.08
N SER B 330 -2.93 8.62 14.90
CA SER B 330 -3.67 8.32 13.68
C SER B 330 -2.93 7.41 12.71
N GLY B 331 -1.66 7.12 12.97
CA GLY B 331 -0.94 6.19 12.13
C GLY B 331 -0.60 6.68 10.74
N PHE B 332 -0.40 7.98 10.56
CA PHE B 332 0.08 8.48 9.27
C PHE B 332 0.79 9.81 9.47
N PHE B 333 1.64 10.13 8.51
CA PHE B 333 2.34 11.41 8.46
C PHE B 333 1.74 12.22 7.31
N PHE B 334 1.39 13.47 7.59
CA PHE B 334 0.75 14.33 6.60
C PHE B 334 1.75 15.37 6.10
N ASP B 335 2.07 15.30 4.80
CA ASP B 335 3.10 16.17 4.24
C ASP B 335 2.67 17.63 4.23
N ASN B 336 1.39 17.90 4.01
CA ASN B 336 0.88 19.28 3.90
C ASN B 336 0.25 19.75 5.20
N ASN B 337 0.92 19.51 6.32
CA ASN B 337 0.36 19.86 7.64
C ASN B 337 0.78 21.28 7.98
N SER B 338 -0.13 22.23 7.77
CA SER B 338 0.11 23.62 8.12
C SER B 338 -0.03 23.88 9.62
N HIS B 339 -0.45 22.87 10.40
CA HIS B 339 -0.60 22.99 11.84
C HIS B 339 0.46 22.22 12.61
N ASP B 340 1.57 21.89 11.96
CA ASP B 340 2.63 21.14 12.62
C ASP B 340 3.28 22.00 13.70
N ARG B 341 3.78 21.33 14.74
CA ARG B 341 4.40 22.05 15.86
CA ARG B 341 4.37 22.03 15.88
C ARG B 341 5.29 21.08 16.64
N VAL B 342 6.18 21.66 17.44
CA VAL B 342 7.04 20.93 18.34
C VAL B 342 6.86 21.53 19.73
N LYS B 343 7.16 20.71 20.74
CA LYS B 343 7.02 21.14 22.13
C LYS B 343 8.31 21.81 22.62
N ILE B 344 8.15 22.77 23.51
CA ILE B 344 9.27 23.41 24.17
C ILE B 344 8.89 23.69 25.62
N LYS B 345 9.63 23.12 26.55
CA LYS B 345 9.35 23.27 27.97
C LYS B 345 10.13 24.46 28.52
N LEU B 346 9.42 25.38 29.16
CA LEU B 346 10.02 26.59 29.70
C LEU B 346 9.42 26.87 31.08
N GLY B 347 10.22 27.47 31.95
CA GLY B 347 9.77 27.81 33.28
C GLY B 347 10.69 28.81 33.93
N VAL B 348 10.12 29.63 34.81
CA VAL B 348 10.92 30.58 35.57
C VAL B 348 11.70 29.82 36.63
N SER B 349 13.01 30.04 36.67
CA SER B 349 13.86 29.32 37.61
C SER B 349 13.68 29.84 39.02
N LYS B 350 13.60 28.91 39.97
CA LYS B 350 13.53 29.30 41.38
C LYS B 350 14.79 30.02 41.84
N SER B 351 15.89 29.87 41.10
CA SER B 351 17.12 30.60 41.39
C SER B 351 17.08 32.04 40.91
N ASP B 352 16.07 32.42 40.13
CA ASP B 352 15.97 33.80 39.65
C ASP B 352 15.68 34.72 40.83
N ARG B 353 16.38 35.86 40.87
CA ARG B 353 16.16 36.84 41.93
C ARG B 353 14.75 37.43 41.84
N LEU B 354 14.17 37.48 40.64
CA LEU B 354 12.85 38.04 40.42
C LEU B 354 11.79 36.95 40.26
N TYR B 355 12.04 35.76 40.80
CA TYR B 355 11.10 34.64 40.63
C TYR B 355 9.72 34.99 41.16
N ALA B 356 9.66 35.53 42.38
CA ALA B 356 8.36 35.80 43.00
C ALA B 356 7.54 36.78 42.16
N MET B 357 8.17 37.85 41.70
CA MET B 357 7.44 38.83 40.90
C MET B 357 7.02 38.24 39.56
N LYS B 358 7.92 37.50 38.90
CA LYS B 358 7.57 36.89 37.62
C LYS B 358 6.43 35.90 37.77
N ALA B 359 6.49 35.05 38.79
CA ALA B 359 5.42 34.08 39.01
C ALA B 359 4.09 34.75 39.30
N GLU B 360 4.11 35.91 39.97
CA GLU B 360 2.86 36.61 40.26
C GLU B 360 2.29 37.26 39.00
N VAL B 361 3.14 37.86 38.18
CA VAL B 361 2.67 38.41 36.91
C VAL B 361 2.08 37.32 36.03
N LEU B 362 2.75 36.17 35.96
CA LEU B 362 2.21 35.04 35.19
C LEU B 362 0.91 34.55 35.78
N ALA B 363 0.81 34.52 37.11
CA ALA B 363 -0.42 34.08 37.75
C ALA B 363 -1.58 35.01 37.42
N ARG B 364 -1.35 36.32 37.50
CA ARG B 364 -2.38 37.28 37.15
C ARG B 364 -2.75 37.23 35.67
N ALA B 365 -1.86 36.74 34.82
CA ALA B 365 -2.14 36.59 33.40
C ALA B 365 -2.72 35.22 33.06
N GLY B 366 -2.86 34.33 34.04
CA GLY B 366 -3.37 33.00 33.77
C GLY B 366 -2.39 32.07 33.12
N ILE B 367 -1.10 32.22 33.42
CA ILE B 367 -0.04 31.42 32.82
C ILE B 367 0.72 30.74 33.95
N PRO B 368 0.95 29.43 33.89
CA PRO B 368 1.73 28.77 34.94
C PRO B 368 3.18 29.20 34.91
N THR B 369 3.85 28.98 36.04
CA THR B 369 5.26 29.35 36.16
C THR B 369 6.13 28.48 35.27
N SER B 370 5.77 27.20 35.10
CA SER B 370 6.46 26.31 34.18
C SER B 370 5.42 25.51 33.40
N SER B 371 5.65 25.34 32.11
CA SER B 371 4.69 24.67 31.26
C SER B 371 5.38 24.18 29.99
N VAL B 372 4.67 23.36 29.24
CA VAL B 372 5.12 22.89 27.93
C VAL B 372 4.39 23.72 26.89
N PHE B 373 5.15 24.55 26.17
CA PHE B 373 4.60 25.38 25.11
C PHE B 373 4.81 24.72 23.76
N ALA B 374 4.43 25.41 22.70
CA ALA B 374 4.53 24.88 21.35
C ALA B 374 5.25 25.89 20.45
N LEU B 375 6.07 25.37 19.54
CA LEU B 375 6.67 26.15 18.46
C LEU B 375 6.04 25.68 17.16
N HIS B 376 5.40 26.59 16.44
CA HIS B 376 4.66 26.24 15.23
C HIS B 376 5.51 26.49 13.98
N PHE B 377 5.19 25.74 12.93
CA PHE B 377 5.90 25.93 11.66
C PHE B 377 5.33 27.11 10.88
N THR B 378 4.01 27.27 10.88
CA THR B 378 3.38 28.41 10.23
C THR B 378 3.50 29.64 11.12
N GLU B 379 3.91 30.76 10.54
CA GLU B 379 4.08 31.98 11.31
C GLU B 379 2.74 32.49 11.83
N PRO B 380 2.72 33.06 13.05
CA PRO B 380 3.88 33.26 13.94
C PRO B 380 4.34 31.99 14.63
N PRO B 381 5.64 31.89 14.92
CA PRO B 381 6.16 30.65 15.52
C PRO B 381 5.66 30.41 16.93
N ILE B 382 5.31 31.45 17.68
CA ILE B 382 4.89 31.32 19.06
C ILE B 382 3.48 31.88 19.22
N SER B 383 2.74 31.30 20.15
CA SER B 383 1.37 31.73 20.43
C SER B 383 1.39 32.98 21.31
N ALA B 384 0.19 33.51 21.57
CA ALA B 384 0.07 34.63 22.49
C ALA B 384 0.49 34.25 23.89
N GLN B 385 0.18 33.02 24.31
CA GLN B 385 0.53 32.57 25.66
C GLN B 385 2.04 32.42 25.82
N LEU B 386 2.73 31.93 24.79
CA LEU B 386 4.17 31.78 24.87
C LEU B 386 4.86 33.14 24.77
N LEU B 387 4.32 34.04 23.94
CA LEU B 387 4.87 35.39 23.87
C LEU B 387 4.77 36.10 25.22
N ALA B 388 3.60 35.98 25.87
CA ALA B 388 3.43 36.58 27.19
C ALA B 388 4.40 35.99 28.20
N PHE B 389 4.60 34.67 28.16
CA PHE B 389 5.54 34.05 29.09
C PHE B 389 6.96 34.56 28.84
N LEU B 390 7.39 34.60 27.59
CA LEU B 390 8.74 35.03 27.27
C LEU B 390 8.97 36.49 27.65
N ARG B 391 7.94 37.33 27.49
CA ARG B 391 8.06 38.72 27.91
C ARG B 391 8.32 38.82 29.42
N VAL B 392 7.48 38.14 30.22
CA VAL B 392 7.66 38.15 31.67
C VAL B 392 8.98 37.50 32.05
N PHE B 393 9.37 36.45 31.32
CA PHE B 393 10.61 35.75 31.59
C PHE B 393 11.82 36.68 31.48
N CYS B 394 11.74 37.70 30.62
CA CYS B 394 12.85 38.60 30.39
C CYS B 394 12.62 40.00 30.95
N MET B 395 11.59 40.19 31.78
CA MET B 395 11.31 41.50 32.34
CA MET B 395 11.31 41.51 32.33
C MET B 395 12.34 41.90 33.38
N THR B 396 12.61 43.20 33.46
CA THR B 396 13.39 43.74 34.55
C THR B 396 12.50 43.94 35.77
N GLU B 397 13.12 44.26 36.90
CA GLU B 397 12.34 44.51 38.11
C GLU B 397 11.40 45.69 37.92
N GLU B 398 11.87 46.73 37.24
CA GLU B 398 11.03 47.91 37.00
C GLU B 398 9.83 47.56 36.12
N GLU B 399 10.04 46.73 35.10
CA GLU B 399 8.94 46.34 34.24
C GLU B 399 7.95 45.44 34.97
N LEU B 400 8.46 44.53 35.82
CA LEU B 400 7.58 43.68 36.61
C LEU B 400 6.73 44.50 37.56
N LYS B 401 7.31 45.55 38.15
CA LYS B 401 6.52 46.41 39.03
C LYS B 401 5.39 47.09 38.28
N GLU B 402 5.62 47.47 37.02
CA GLU B 402 4.58 48.14 36.24
C GLU B 402 3.44 47.20 35.87
N HIS B 403 3.67 45.89 35.91
CA HIS B 403 2.61 44.91 35.69
C HIS B 403 1.98 44.43 36.99
N LEU B 404 2.44 44.92 38.14
CA LEU B 404 1.94 44.51 39.43
C LEU B 404 1.26 45.62 40.23
N LEU B 405 1.63 46.88 40.00
CA LEU B 405 1.16 47.98 40.84
C LEU B 405 0.63 49.11 39.98
N GLY B 406 -0.45 49.73 40.44
CA GLY B 406 -0.97 50.93 39.81
C GLY B 406 -2.21 50.66 38.96
N ASP B 407 -2.84 51.76 38.56
CA ASP B 407 -4.10 51.73 37.84
C ASP B 407 -3.97 51.24 36.40
N SER B 408 -2.74 51.12 35.89
CA SER B 408 -2.52 50.61 34.54
C SER B 408 -1.93 49.20 34.53
N ALA B 409 -1.73 48.58 35.69
CA ALA B 409 -1.08 47.27 35.73
C ALA B 409 -1.91 46.21 35.01
N ILE B 410 -3.23 46.21 35.25
CA ILE B 410 -4.07 45.20 34.64
C ILE B 410 -4.16 45.41 33.13
N ASP B 411 -4.14 46.67 32.67
CA ASP B 411 -4.12 46.93 31.24
C ASP B 411 -2.85 46.40 30.61
N ARG B 412 -1.72 46.50 31.32
CA ARG B 412 -0.47 45.95 30.78
C ARG B 412 -0.51 44.43 30.73
N ILE B 413 -1.14 43.80 31.72
CA ILE B 413 -1.31 42.35 31.69
C ILE B 413 -2.14 41.93 30.49
N PHE B 414 -3.17 42.72 30.17
CA PHE B 414 -4.12 42.35 29.12
C PHE B 414 -3.46 42.29 27.75
N THR B 415 -2.37 43.03 27.54
CA THR B 415 -1.72 43.10 26.25
C THR B 415 -0.44 42.27 26.17
N LEU B 416 -0.16 41.45 27.19
CA LEU B 416 1.09 40.70 27.21
C LEU B 416 1.22 39.74 26.05
N GLY B 417 0.11 39.15 25.61
CA GLY B 417 0.12 38.24 24.49
C GLY B 417 -0.03 38.87 23.13
N ASN B 418 -0.02 40.20 23.05
CA ASN B 418 -0.26 40.93 21.81
C ASN B 418 1.08 41.37 21.24
N SER B 419 1.38 40.90 20.01
CA SER B 419 2.65 41.24 19.37
CA SER B 419 2.65 41.24 19.37
C SER B 419 2.76 42.73 19.05
N GLU B 420 1.65 43.43 18.91
CA GLU B 420 1.68 44.84 18.55
C GLU B 420 1.94 45.76 19.73
N PHE B 421 1.94 45.24 20.96
CA PHE B 421 2.12 46.07 22.16
C PHE B 421 3.22 45.46 23.03
N PRO B 422 4.48 45.72 22.71
CA PRO B 422 5.57 45.18 23.52
C PRO B 422 5.74 45.94 24.83
N VAL B 423 6.34 45.25 25.80
CA VAL B 423 6.67 45.88 27.07
C VAL B 423 7.72 46.97 26.87
N SER B 424 8.74 46.68 26.06
CA SER B 424 9.80 47.61 25.70
C SER B 424 10.59 46.98 24.57
N TRP B 425 11.31 47.82 23.81
CA TRP B 425 12.18 47.30 22.76
C TRP B 425 13.26 46.40 23.36
N ASP B 426 13.76 46.76 24.54
CA ASP B 426 14.77 45.94 25.21
C ASP B 426 14.21 44.57 25.58
N ASN B 427 12.97 44.53 26.08
CA ASN B 427 12.37 43.25 26.46
C ASN B 427 12.20 42.34 25.26
N GLU B 428 11.85 42.91 24.10
CA GLU B 428 11.69 42.11 22.89
C GLU B 428 13.01 41.53 22.43
N VAL B 429 14.06 42.36 22.37
CA VAL B 429 15.38 41.88 21.95
C VAL B 429 15.84 40.73 22.85
N LYS B 430 15.58 40.84 24.15
CA LYS B 430 16.02 39.80 25.08
C LYS B 430 15.27 38.49 24.86
N LEU B 431 13.94 38.56 24.65
CA LEU B 431 13.17 37.33 24.54
C LEU B 431 13.41 36.63 23.22
N TRP B 432 13.58 37.39 22.14
CA TRP B 432 13.86 36.75 20.85
C TRP B 432 15.29 36.22 20.79
N THR B 433 16.22 36.87 21.49
CA THR B 433 17.56 36.30 21.62
C THR B 433 17.54 35.00 22.40
N PHE B 434 16.76 34.95 23.49
CA PHE B 434 16.64 33.72 24.26
C PHE B 434 16.05 32.59 23.42
N LEU B 435 14.96 32.88 22.70
CA LEU B 435 14.32 31.85 21.90
C LEU B 435 15.26 31.35 20.80
N GLU B 436 15.98 32.27 20.16
CA GLU B 436 16.94 31.88 19.13
C GLU B 436 18.01 30.96 19.70
N ASP B 437 18.50 31.27 20.90
CA ASP B 437 19.53 30.44 21.52
C ASP B 437 18.96 29.10 21.97
N ARG B 438 17.74 29.10 22.52
CA ARG B 438 17.16 27.85 22.99
C ARG B 438 16.79 26.92 21.84
N ALA B 439 16.22 27.48 20.77
CA ALA B 439 15.89 26.67 19.60
C ALA B 439 17.15 26.12 18.95
N SER B 440 18.22 26.92 18.91
N SER B 440 18.22 26.93 18.91
CA SER B 440 19.48 26.42 18.36
CA SER B 440 19.49 26.44 18.37
C SER B 440 20.11 25.35 19.25
C SER B 440 20.06 25.33 19.24
N LEU B 441 19.93 25.47 20.57
CA LEU B 441 20.42 24.44 21.47
C LEU B 441 19.63 23.14 21.30
N LEU B 442 18.31 23.25 21.14
CA LEU B 442 17.48 22.06 20.94
C LEU B 442 17.89 21.32 19.66
N LEU B 443 18.27 22.06 18.62
CA LEU B 443 18.72 21.43 17.38
C LEU B 443 19.98 20.60 17.60
N LYS B 444 20.81 20.98 18.57
CA LYS B 444 22.04 20.25 18.83
C LYS B 444 21.82 18.95 19.59
N THR B 445 20.60 18.68 20.05
CA THR B 445 20.32 17.47 20.82
C THR B 445 19.85 16.31 19.96
N TYR B 446 19.77 16.49 18.64
CA TYR B 446 19.37 15.42 17.74
C TYR B 446 20.59 14.68 17.22
N LYS B 447 20.43 13.37 17.00
CA LYS B 447 21.54 12.53 16.57
C LYS B 447 21.85 12.69 15.08
N THR B 448 20.91 13.21 14.30
CA THR B 448 21.13 13.47 12.89
C THR B 448 20.81 14.92 12.57
N THR B 449 21.30 15.37 11.42
CA THR B 449 21.02 16.72 10.93
C THR B 449 19.93 16.67 9.86
N ILE B 450 19.43 17.85 9.51
CA ILE B 450 18.40 17.96 8.48
C ILE B 450 18.91 17.42 7.15
N GLU B 451 20.15 17.76 6.80
CA GLU B 451 20.71 17.27 5.54
C GLU B 451 20.88 15.77 5.54
N GLU B 452 21.20 15.17 6.68
CA GLU B 452 21.34 13.72 6.75
C GLU B 452 20.00 13.03 6.59
N ASP B 453 18.94 13.59 7.19
CA ASP B 453 17.61 13.00 7.05
C ASP B 453 17.14 13.02 5.60
N LYS B 454 17.35 14.14 4.91
CA LYS B 454 16.96 14.23 3.51
C LYS B 454 17.74 13.24 2.65
N SER B 455 19.00 13.01 2.99
CA SER B 455 19.81 12.04 2.24
C SER B 455 19.29 10.63 2.46
N VAL B 456 18.85 10.30 3.68
CA VAL B 456 18.31 8.98 3.95
C VAL B 456 17.02 8.76 3.16
N LEU B 457 16.14 9.75 3.17
CA LEU B 457 14.87 9.62 2.44
C LEU B 457 15.10 9.55 0.93
N LYS B 458 16.16 10.19 0.43
CA LYS B 458 16.39 10.21 -1.01
C LYS B 458 17.11 8.95 -1.49
N ASN B 459 18.05 8.43 -0.68
CA ASN B 459 18.96 7.40 -1.15
C ASN B 459 18.66 6.00 -0.61
N HIS B 460 17.74 5.86 0.34
CA HIS B 460 17.37 4.56 0.87
C HIS B 460 15.93 4.24 0.49
N ASP B 461 15.65 2.95 0.32
CA ASP B 461 14.31 2.46 0.02
C ASP B 461 13.68 1.98 1.31
N LEU B 462 12.63 2.66 1.75
CA LEU B 462 12.10 2.51 3.11
C LEU B 462 10.64 2.07 3.08
N SER B 463 10.24 1.44 4.17
CA SER B 463 8.83 1.12 4.37
C SER B 463 8.04 2.39 4.70
N VAL B 464 6.72 2.27 4.60
CA VAL B 464 5.84 3.37 4.97
C VAL B 464 6.09 3.79 6.42
N ARG B 465 6.21 2.81 7.31
CA ARG B 465 6.41 3.12 8.73
C ARG B 465 7.77 3.74 8.98
N ALA B 466 8.80 3.28 8.27
CA ALA B 466 10.13 3.88 8.41
C ALA B 466 10.12 5.32 7.92
N LYS B 467 9.45 5.58 6.79
CA LYS B 467 9.36 6.95 6.29
C LYS B 467 8.64 7.87 7.27
N MET B 468 7.59 7.35 7.93
CA MET B 468 6.89 8.14 8.93
C MET B 468 7.84 8.58 10.04
N ALA B 469 8.68 7.65 10.52
CA ALA B 469 9.60 7.96 11.61
C ALA B 469 10.64 8.97 11.17
N ILE B 470 11.22 8.80 9.97
CA ILE B 470 12.27 9.69 9.53
C ILE B 470 11.72 11.07 9.19
N LYS B 471 10.55 11.13 8.55
CA LYS B 471 9.91 12.41 8.30
C LYS B 471 9.55 13.12 9.60
N LEU B 472 9.21 12.35 10.63
CA LEU B 472 8.87 12.95 11.93
C LEU B 472 10.08 13.62 12.55
N ARG B 473 11.22 12.92 12.59
CA ARG B 473 12.41 13.52 13.17
C ARG B 473 12.95 14.65 12.30
N LEU B 474 12.75 14.56 10.99
CA LEU B 474 13.10 15.68 10.11
C LEU B 474 12.20 16.88 10.38
N GLY B 475 10.91 16.63 10.58
CA GLY B 475 9.97 17.73 10.79
C GLY B 475 10.24 18.49 12.07
N GLU B 476 10.65 17.78 13.13
CA GLU B 476 10.98 18.45 14.38
C GLU B 476 12.12 19.45 14.19
N LYS B 477 13.18 19.03 13.49
CA LYS B 477 14.33 19.90 13.30
C LYS B 477 14.00 21.06 12.35
N GLU B 478 13.17 20.80 11.34
CA GLU B 478 12.80 21.87 10.41
C GLU B 478 11.97 22.94 11.10
N ILE B 479 11.13 22.56 12.07
CA ILE B 479 10.38 23.55 12.83
C ILE B 479 11.31 24.33 13.74
N LEU B 480 12.27 23.66 14.37
CA LEU B 480 13.24 24.35 15.22
C LEU B 480 14.12 25.28 14.39
N GLU B 481 14.53 24.82 13.20
CA GLU B 481 15.35 25.65 12.33
C GLU B 481 14.62 26.92 11.91
N LYS B 482 13.34 26.79 11.55
CA LYS B 482 12.57 27.96 11.18
C LYS B 482 12.34 28.89 12.37
N ALA B 483 12.21 28.32 13.57
CA ALA B 483 12.07 29.16 14.76
C ALA B 483 13.34 29.96 15.02
N VAL B 484 14.51 29.36 14.76
CA VAL B 484 15.77 30.09 14.89
C VAL B 484 15.79 31.28 13.93
N LYS B 485 15.41 31.04 12.67
CA LYS B 485 15.43 32.11 11.68
C LYS B 485 14.43 33.20 12.00
N SER B 486 13.23 32.82 12.46
N SER B 486 13.22 32.81 12.44
CA SER B 486 12.20 33.82 12.76
CA SER B 486 12.20 33.80 12.77
C SER B 486 12.56 34.61 14.01
C SER B 486 12.59 34.62 13.99
N ALA B 487 13.17 33.96 15.01
CA ALA B 487 13.59 34.67 16.21
C ALA B 487 14.75 35.62 15.91
N ALA B 488 15.68 35.19 15.04
CA ALA B 488 16.76 36.06 14.64
C ALA B 488 16.25 37.27 13.87
N VAL B 489 15.24 37.06 13.02
CA VAL B 489 14.64 38.17 12.28
C VAL B 489 13.95 39.15 13.23
N ASN B 490 13.19 38.62 14.21
CA ASN B 490 12.51 39.48 15.16
C ASN B 490 13.51 40.23 16.04
N ARG B 491 14.62 39.57 16.41
CA ARG B 491 15.66 40.24 17.18
C ARG B 491 16.19 41.46 16.45
N GLU B 492 16.44 41.33 15.15
CA GLU B 492 16.96 42.45 14.37
C GLU B 492 15.91 43.54 14.19
N TYR B 493 14.64 43.17 14.06
CA TYR B 493 13.59 44.17 13.92
C TYR B 493 13.49 45.05 15.16
N TYR B 494 13.41 44.42 16.33
CA TYR B 494 13.26 45.19 17.56
C TYR B 494 14.54 45.88 17.99
N ARG B 495 15.70 45.36 17.57
CA ARG B 495 16.95 46.09 17.82
C ARG B 495 17.01 47.36 16.99
N GLN B 496 16.41 47.36 15.80
CA GLN B 496 16.33 48.57 15.00
C GLN B 496 15.45 49.61 15.69
N GLN B 497 14.29 49.18 16.18
CA GLN B 497 13.41 50.10 16.90
C GLN B 497 14.09 50.68 18.14
N MET B 498 14.96 49.89 18.78
CA MET B 498 15.67 50.36 19.96
C MET B 498 16.75 51.37 19.61
N GLU B 499 17.49 51.11 18.52
CA GLU B 499 18.54 52.03 18.11
C GLU B 499 17.97 53.30 17.50
N GLU B 500 16.83 53.20 16.81
CA GLU B 500 16.16 54.37 16.25
C GLU B 500 15.31 55.11 17.27
N LYS B 501 15.19 54.57 18.49
CA LYS B 501 14.39 55.19 19.56
C LYS B 501 12.95 55.43 19.11
N ALA B 502 12.36 54.45 18.46
CA ALA B 502 10.98 54.57 18.01
C ALA B 502 10.04 54.60 19.22
N PRO B 503 8.95 55.36 19.13
CA PRO B 503 8.00 55.40 20.25
C PRO B 503 7.28 54.07 20.40
N LEU B 504 7.12 53.65 21.66
CA LEU B 504 6.42 52.41 21.93
C LEU B 504 4.94 52.55 21.57
N PRO B 505 4.34 51.53 20.95
CA PRO B 505 2.91 51.59 20.65
C PRO B 505 2.08 51.72 21.91
N LYS B 506 0.92 52.37 21.77
CA LYS B 506 -0.01 52.58 22.88
C LYS B 506 0.65 53.30 24.05
N THR C 1 27.36 -16.07 -21.91
CA THR C 1 25.92 -16.27 -21.87
C THR C 1 25.54 -17.25 -20.76
N LEU C 2 24.39 -17.01 -20.14
CA LEU C 2 23.88 -17.92 -19.12
C LEU C 2 23.32 -19.17 -19.78
N LYS C 3 23.81 -20.34 -19.35
CA LYS C 3 23.39 -21.59 -19.97
C LYS C 3 21.92 -21.85 -19.72
N TYR C 4 21.43 -21.53 -18.52
CA TYR C 4 20.04 -21.77 -18.14
C TYR C 4 19.49 -20.53 -17.48
N PRO C 5 19.18 -19.49 -18.26
CA PRO C 5 18.61 -18.27 -17.66
C PRO C 5 17.26 -18.54 -17.03
N ILE C 6 17.04 -17.95 -15.85
CA ILE C 6 15.83 -18.15 -15.08
C ILE C 6 14.99 -16.88 -15.17
N GLU C 7 13.78 -17.02 -15.70
CA GLU C 7 12.87 -15.90 -15.92
C GLU C 7 11.82 -15.90 -14.80
N HIS C 8 11.89 -14.89 -13.93
CA HIS C 8 10.95 -14.77 -12.81
C HIS C 8 9.54 -14.55 -13.34
N GLY C 9 8.65 -15.50 -13.06
CA GLY C 9 7.27 -15.38 -13.51
C GLY C 9 7.09 -15.63 -15.00
N ILE C 10 7.83 -16.59 -15.56
CA ILE C 10 7.74 -16.86 -16.98
C ILE C 10 6.32 -17.27 -17.34
N VAL C 11 5.84 -16.76 -18.47
CA VAL C 11 4.44 -16.96 -18.87
C VAL C 11 4.25 -18.38 -19.37
N THR C 12 3.21 -19.04 -18.88
CA THR C 12 2.85 -20.38 -19.31
C THR C 12 1.41 -20.38 -19.82
N ASN C 13 1.07 -21.44 -20.56
CA ASN C 13 -0.28 -21.60 -21.07
C ASN C 13 -1.19 -22.21 -20.01
N TRP C 14 -2.35 -21.60 -19.79
CA TRP C 14 -3.31 -22.09 -18.82
C TRP C 14 -4.60 -22.60 -19.46
N ASP C 15 -4.68 -22.61 -20.79
CA ASP C 15 -5.88 -23.07 -21.47
C ASP C 15 -6.13 -24.56 -21.26
N VAL D 25 -24.94 -23.85 4.62
CA VAL D 25 -23.81 -24.10 3.73
C VAL D 25 -23.70 -25.59 3.42
N SER D 26 -24.68 -26.11 2.70
CA SER D 26 -24.70 -27.53 2.37
C SER D 26 -23.61 -27.84 1.35
N PRO D 27 -22.91 -28.97 1.50
CA PRO D 27 -21.89 -29.33 0.51
C PRO D 27 -22.48 -29.74 -0.82
N LYS D 28 -23.66 -30.38 -0.82
CA LYS D 28 -24.33 -30.72 -2.07
C LYS D 28 -24.75 -29.47 -2.84
N GLU D 29 -24.97 -28.35 -2.15
CA GLU D 29 -25.29 -27.10 -2.83
C GLU D 29 -24.08 -26.57 -3.60
N ILE D 30 -22.89 -26.64 -3.00
CA ILE D 30 -21.68 -26.23 -3.69
C ILE D 30 -21.39 -27.17 -4.86
N LEU D 31 -21.67 -28.47 -4.68
CA LEU D 31 -21.42 -29.43 -5.74
C LEU D 31 -22.29 -29.17 -6.97
N ASN D 32 -23.51 -28.69 -6.76
CA ASN D 32 -24.37 -28.34 -7.89
C ASN D 32 -23.98 -27.01 -8.51
N LEU D 33 -23.50 -26.06 -7.70
CA LEU D 33 -23.02 -24.79 -8.26
C LEU D 33 -21.76 -25.00 -9.09
N THR D 34 -20.83 -25.82 -8.60
CA THR D 34 -19.64 -26.14 -9.38
C THR D 34 -19.99 -26.93 -10.63
N SER D 35 -21.01 -27.79 -10.57
CA SER D 35 -21.48 -28.48 -11.76
C SER D 35 -22.03 -27.49 -12.77
N GLU D 36 -22.81 -26.50 -12.31
CA GLU D 36 -23.27 -25.44 -13.19
C GLU D 36 -22.11 -24.60 -13.70
N LEU D 37 -21.14 -24.31 -12.83
CA LEU D 37 -19.98 -23.53 -13.24
C LEU D 37 -19.13 -24.29 -14.24
N LEU D 38 -19.01 -25.60 -14.07
CA LEU D 38 -18.20 -26.40 -15.00
C LEU D 38 -18.80 -26.38 -16.40
N GLN D 39 -20.12 -26.63 -16.50
CA GLN D 39 -20.77 -26.63 -17.80
C GLN D 39 -20.77 -25.25 -18.44
N LYS D 40 -20.89 -24.20 -17.64
CA LYS D 40 -20.91 -22.84 -18.19
C LYS D 40 -19.53 -22.45 -18.72
N CYS D 41 -18.47 -22.83 -18.01
CA CYS D 41 -17.12 -22.50 -18.43
C CYS D 41 -16.54 -23.52 -19.40
N SER D 42 -17.20 -24.66 -19.60
CA SER D 42 -16.82 -25.60 -20.65
C SER D 42 -17.49 -25.28 -21.97
N SER D 43 -18.33 -24.24 -22.02
CA SER D 43 -18.98 -23.86 -23.25
C SER D 43 -17.96 -23.33 -24.26
N PRO D 44 -18.24 -23.42 -25.55
CA PRO D 44 -17.33 -22.85 -26.55
C PRO D 44 -17.27 -21.33 -26.45
N ALA D 45 -16.35 -20.76 -27.21
CA ALA D 45 -16.21 -19.30 -27.23
C ALA D 45 -17.49 -18.67 -27.78
N PRO D 46 -18.04 -17.66 -27.12
CA PRO D 46 -19.30 -17.06 -27.58
C PRO D 46 -19.14 -16.06 -28.71
N GLY D 47 -17.92 -15.75 -29.13
CA GLY D 47 -17.68 -14.71 -30.09
C GLY D 47 -17.21 -13.44 -29.42
N PRO D 48 -16.33 -12.69 -30.09
CA PRO D 48 -15.74 -11.50 -29.45
C PRO D 48 -16.78 -10.48 -29.00
N GLY D 49 -17.86 -10.33 -29.75
CA GLY D 49 -18.89 -9.36 -29.40
C GLY D 49 -19.72 -9.73 -28.18
N LYS D 50 -19.59 -10.97 -27.68
CA LYS D 50 -20.35 -11.42 -26.53
C LYS D 50 -19.44 -11.94 -25.42
N GLU D 51 -18.14 -11.63 -25.46
CA GLU D 51 -17.24 -12.12 -24.43
C GLU D 51 -17.43 -11.36 -23.11
N TRP D 52 -17.83 -10.09 -23.18
CA TRP D 52 -18.05 -9.34 -21.93
C TRP D 52 -19.29 -9.86 -21.20
N GLU D 53 -20.37 -10.14 -21.93
CA GLU D 53 -21.58 -10.67 -21.29
C GLU D 53 -21.30 -12.03 -20.65
N GLU D 54 -20.57 -12.89 -21.35
CA GLU D 54 -20.19 -14.18 -20.78
C GLU D 54 -19.30 -13.99 -19.56
N TYR D 55 -18.37 -13.04 -19.63
CA TYR D 55 -17.48 -12.77 -18.49
C TYR D 55 -18.28 -12.37 -17.26
N VAL D 56 -19.30 -11.52 -17.43
CA VAL D 56 -20.11 -11.10 -16.29
C VAL D 56 -20.94 -12.27 -15.78
N GLN D 57 -21.45 -13.11 -16.69
CA GLN D 57 -22.21 -14.29 -16.27
C GLN D 57 -21.33 -15.23 -15.45
N ILE D 58 -20.08 -15.43 -15.87
CA ILE D 58 -19.19 -16.31 -15.12
C ILE D 58 -18.81 -15.68 -13.79
N ARG D 59 -18.60 -14.36 -13.77
CA ARG D 59 -18.33 -13.67 -12.51
C ARG D 59 -19.45 -13.86 -11.51
N THR D 60 -20.71 -13.77 -11.97
CA THR D 60 -21.84 -13.92 -11.08
C THR D 60 -21.86 -15.30 -10.43
N LEU D 61 -21.57 -16.34 -11.21
CA LEU D 61 -21.53 -17.69 -10.65
C LEU D 61 -20.38 -17.86 -9.68
N VAL D 62 -19.21 -17.32 -10.00
CA VAL D 62 -18.05 -17.46 -9.13
C VAL D 62 -18.28 -16.72 -7.82
N GLU D 63 -18.77 -15.48 -7.90
CA GLU D 63 -18.97 -14.69 -6.69
C GLU D 63 -20.05 -15.29 -5.80
N LYS D 64 -21.07 -15.91 -6.38
CA LYS D 64 -22.07 -16.60 -5.58
C LYS D 64 -21.46 -17.78 -4.83
N ILE D 65 -20.58 -18.53 -5.50
CA ILE D 65 -19.89 -19.63 -4.83
C ILE D 65 -18.94 -19.10 -3.77
N ARG D 66 -18.17 -18.05 -4.10
CA ARG D 66 -17.21 -17.50 -3.16
C ARG D 66 -17.89 -16.95 -1.92
N LYS D 67 -19.09 -16.37 -2.08
CA LYS D 67 -19.80 -15.84 -0.92
C LYS D 67 -20.32 -16.95 -0.02
N LYS D 68 -20.55 -18.14 -0.57
CA LYS D 68 -20.99 -19.29 0.21
C LYS D 68 -19.85 -20.12 0.76
N GLN D 69 -18.61 -19.70 0.55
CA GLN D 69 -17.43 -20.37 1.09
C GLN D 69 -16.73 -19.45 2.08
N LYS D 70 -15.75 -20.01 2.80
CA LYS D 70 -15.10 -19.31 3.89
C LYS D 70 -13.67 -18.90 3.53
N GLY D 71 -13.48 -18.36 2.33
CA GLY D 71 -12.18 -17.87 1.92
C GLY D 71 -11.14 -18.95 1.83
N LEU D 72 -9.91 -18.59 2.16
CA LEU D 72 -8.81 -19.56 2.17
C LEU D 72 -9.05 -20.61 3.24
N SER D 73 -8.89 -21.88 2.86
CA SER D 73 -9.11 -22.97 3.81
C SER D 73 -8.12 -22.92 4.96
N VAL D 74 -6.88 -22.55 4.69
CA VAL D 74 -5.83 -22.49 5.70
C VAL D 74 -5.34 -21.05 5.79
N THR D 75 -5.40 -20.48 6.99
CA THR D 75 -4.84 -19.17 7.27
C THR D 75 -3.92 -19.29 8.48
N PHE D 76 -2.95 -18.38 8.56
CA PHE D 76 -1.94 -18.41 9.60
C PHE D 76 -2.18 -17.28 10.60
N ASP D 77 -1.84 -17.55 11.86
CA ASP D 77 -2.14 -16.60 12.93
C ASP D 77 -1.25 -15.37 12.87
N GLY D 78 0.04 -15.57 12.64
CA GLY D 78 0.96 -14.47 12.58
C GLY D 78 0.87 -13.69 11.28
N LYS D 79 1.46 -12.50 11.29
CA LYS D 79 1.55 -11.71 10.07
C LYS D 79 2.60 -12.31 9.14
N ARG D 80 2.63 -11.79 7.91
CA ARG D 80 3.55 -12.32 6.91
C ARG D 80 5.00 -12.16 7.34
N GLU D 81 5.36 -10.99 7.86
CA GLU D 81 6.73 -10.76 8.30
C GLU D 81 7.11 -11.59 9.52
N ASP D 82 6.13 -12.14 10.25
CA ASP D 82 6.44 -12.97 11.40
C ASP D 82 7.09 -14.29 11.00
N TYR D 83 6.95 -14.71 9.75
CA TYR D 83 7.48 -15.99 9.31
C TYR D 83 8.75 -15.86 8.47
N PHE D 84 9.14 -14.64 8.12
CA PHE D 84 10.41 -14.46 7.40
C PHE D 84 11.62 -14.98 8.15
N PRO D 85 11.74 -14.83 9.49
CA PRO D 85 12.85 -15.50 10.18
C PRO D 85 12.86 -17.00 9.99
N ASP D 86 11.68 -17.63 9.93
CA ASP D 86 11.61 -19.06 9.66
C ASP D 86 12.11 -19.38 8.25
N LEU D 87 11.79 -18.52 7.28
CA LEU D 87 12.25 -18.75 5.91
C LEU D 87 13.77 -18.66 5.83
N MET D 88 14.37 -17.69 6.52
CA MET D 88 15.82 -17.55 6.50
C MET D 88 16.52 -18.72 7.18
N LYS D 89 16.00 -19.15 8.34
CA LYS D 89 16.60 -20.29 9.02
C LYS D 89 16.47 -21.57 8.20
N TRP D 90 15.29 -21.79 7.60
CA TRP D 90 15.07 -22.97 6.78
C TRP D 90 15.93 -22.95 5.53
N ALA D 91 16.08 -21.78 4.89
CA ALA D 91 16.93 -21.69 3.71
C ALA D 91 18.39 -21.85 4.07
N SER D 92 18.82 -21.27 5.20
CA SER D 92 20.22 -21.40 5.60
C SER D 92 20.57 -22.84 5.93
N GLU D 93 19.63 -23.58 6.53
CA GLU D 93 19.88 -24.97 6.86
C GLU D 93 20.11 -25.84 5.64
N ASN D 94 19.59 -25.43 4.48
CA ASN D 94 19.71 -26.23 3.26
C ASN D 94 20.67 -25.63 2.24
N GLY D 95 21.55 -24.73 2.68
CA GLY D 95 22.64 -24.27 1.85
C GLY D 95 22.41 -23.01 1.06
N ALA D 96 21.34 -22.26 1.34
CA ALA D 96 21.08 -21.03 0.62
C ALA D 96 21.78 -19.84 1.29
N SER D 97 22.01 -18.81 0.50
CA SER D 97 22.54 -17.56 1.04
C SER D 97 21.46 -16.84 1.84
N VAL D 98 21.84 -16.31 3.00
CA VAL D 98 20.88 -15.64 3.87
C VAL D 98 21.46 -14.35 4.44
N GLU D 99 22.68 -14.02 4.06
CA GLU D 99 23.38 -12.85 4.58
C GLU D 99 23.50 -11.78 3.51
N GLY D 100 23.49 -10.52 3.95
CA GLY D 100 23.65 -9.40 3.05
C GLY D 100 22.37 -8.69 2.64
N PHE D 101 21.21 -9.19 3.08
CA PHE D 101 19.95 -8.57 2.71
C PHE D 101 18.91 -8.84 3.79
N GLU D 102 17.81 -8.09 3.72
CA GLU D 102 16.71 -8.20 4.67
C GLU D 102 15.40 -7.99 3.93
N MET D 103 14.32 -8.50 4.51
CA MET D 103 12.98 -8.35 3.94
C MET D 103 12.38 -7.02 4.38
N VAL D 104 11.86 -6.25 3.41
CA VAL D 104 11.27 -4.94 3.68
C VAL D 104 9.98 -4.82 2.88
N ASN D 105 8.94 -4.28 3.52
CA ASN D 105 7.67 -4.02 2.86
C ASN D 105 7.76 -2.66 2.19
N PHE D 106 7.99 -2.66 0.87
CA PHE D 106 8.03 -1.44 0.08
C PHE D 106 6.63 -1.09 -0.39
N LYS D 107 6.32 0.21 -0.41
CA LYS D 107 4.97 0.63 -0.80
C LYS D 107 4.70 0.34 -2.26
N GLU D 108 5.68 0.56 -3.14
CA GLU D 108 5.45 0.47 -4.57
C GLU D 108 5.35 -0.98 -5.04
N GLU D 109 6.25 -1.84 -4.58
CA GLU D 109 6.33 -3.21 -5.09
C GLU D 109 5.86 -4.26 -4.11
N GLY D 110 5.52 -3.89 -2.88
CA GLY D 110 5.28 -4.86 -1.84
C GLY D 110 6.57 -5.28 -1.17
N PHE D 111 6.53 -6.46 -0.55
CA PHE D 111 7.73 -6.97 0.10
C PHE D 111 8.82 -7.26 -0.93
N GLY D 112 10.07 -7.06 -0.51
CA GLY D 112 11.20 -7.31 -1.37
C GLY D 112 12.47 -7.39 -0.56
N LEU D 113 13.60 -7.51 -1.28
CA LEU D 113 14.91 -7.58 -0.66
C LEU D 113 15.57 -6.21 -0.62
N ARG D 114 16.18 -5.88 0.51
CA ARG D 114 16.98 -4.67 0.66
C ARG D 114 18.37 -5.05 1.12
N ALA D 115 19.38 -4.45 0.49
CA ALA D 115 20.77 -4.75 0.85
C ALA D 115 21.09 -4.22 2.24
N THR D 116 21.82 -5.02 3.01
CA THR D 116 22.37 -4.59 4.28
C THR D 116 23.86 -4.28 4.18
N ARG D 117 24.45 -4.47 3.01
CA ARG D 117 25.84 -4.15 2.73
C ARG D 117 25.93 -3.73 1.27
N ASP D 118 27.05 -3.13 0.90
CA ASP D 118 27.27 -2.77 -0.49
C ASP D 118 27.46 -4.03 -1.33
N ILE D 119 26.66 -4.18 -2.38
CA ILE D 119 26.73 -5.30 -3.30
C ILE D 119 27.10 -4.77 -4.66
N LYS D 120 28.26 -5.20 -5.18
CA LYS D 120 28.73 -4.72 -6.47
C LYS D 120 28.05 -5.49 -7.60
N ALA D 121 27.96 -4.83 -8.76
CA ALA D 121 27.38 -5.48 -9.93
C ALA D 121 28.16 -6.73 -10.28
N GLU D 122 27.44 -7.75 -10.77
CA GLU D 122 27.97 -9.06 -11.16
C GLU D 122 28.45 -9.89 -9.98
N GLU D 123 28.21 -9.45 -8.75
CA GLU D 123 28.58 -10.24 -7.58
C GLU D 123 27.55 -11.32 -7.33
N LEU D 124 28.02 -12.55 -7.13
CA LEU D 124 27.13 -13.67 -6.81
C LEU D 124 26.71 -13.52 -5.35
N PHE D 125 25.52 -12.95 -5.12
CA PHE D 125 25.05 -12.64 -3.78
C PHE D 125 23.88 -13.51 -3.34
N LEU D 126 23.26 -14.27 -4.24
CA LEU D 126 22.08 -15.05 -3.92
C LEU D 126 22.16 -16.40 -4.59
N TRP D 127 21.96 -17.47 -3.82
CA TRP D 127 21.95 -18.81 -4.38
C TRP D 127 21.00 -19.69 -3.57
N VAL D 128 20.26 -20.54 -4.28
CA VAL D 128 19.23 -21.39 -3.69
C VAL D 128 19.38 -22.81 -4.21
N PRO D 129 19.77 -23.77 -3.38
CA PRO D 129 19.89 -25.16 -3.85
C PRO D 129 18.55 -25.76 -4.24
N ARG D 130 18.61 -26.84 -5.02
CA ARG D 130 17.41 -27.44 -5.58
C ARG D 130 16.49 -28.01 -4.51
N LYS D 131 17.06 -28.46 -3.38
CA LYS D 131 16.25 -29.08 -2.33
C LYS D 131 15.17 -28.15 -1.80
N LEU D 132 15.40 -26.84 -1.87
CA LEU D 132 14.42 -25.88 -1.37
C LEU D 132 13.27 -25.64 -2.34
N LEU D 133 13.46 -25.95 -3.62
CA LEU D 133 12.47 -25.59 -4.63
C LEU D 133 11.24 -26.48 -4.56
N MET D 134 10.10 -25.93 -4.97
CA MET D 134 8.89 -26.70 -5.25
C MET D 134 8.78 -26.89 -6.74
N THR D 135 8.89 -28.13 -7.20
CA THR D 135 8.94 -28.45 -8.62
C THR D 135 7.82 -29.41 -8.99
N VAL D 136 7.66 -29.63 -10.29
CA VAL D 136 6.73 -30.65 -10.76
C VAL D 136 7.15 -32.02 -10.26
N GLU D 137 8.47 -32.25 -10.17
CA GLU D 137 8.96 -33.52 -9.64
C GLU D 137 8.61 -33.68 -8.16
N SER D 138 8.79 -32.62 -7.37
CA SER D 138 8.41 -32.70 -5.96
C SER D 138 6.89 -32.82 -5.82
N ALA D 139 6.13 -32.30 -6.78
CA ALA D 139 4.69 -32.48 -6.77
C ALA D 139 4.32 -33.94 -7.03
N LYS D 140 5.03 -34.61 -7.93
CA LYS D 140 4.75 -36.01 -8.24
C LYS D 140 5.08 -36.91 -7.08
N ASN D 141 6.06 -36.55 -6.26
CA ASN D 141 6.49 -37.36 -5.14
C ASN D 141 5.80 -36.99 -3.82
N SER D 142 4.86 -36.05 -3.85
CA SER D 142 4.18 -35.61 -2.64
C SER D 142 2.88 -36.39 -2.47
N VAL D 143 2.01 -35.91 -1.57
CA VAL D 143 0.71 -36.53 -1.37
C VAL D 143 -0.17 -36.39 -2.62
N LEU D 144 0.15 -35.44 -3.50
CA LEU D 144 -0.57 -35.28 -4.76
C LEU D 144 -0.20 -36.36 -5.78
N GLY D 145 0.82 -37.16 -5.50
CA GLY D 145 1.27 -38.20 -6.39
C GLY D 145 0.19 -39.09 -6.98
N PRO D 146 -0.58 -39.78 -6.11
CA PRO D 146 -1.63 -40.68 -6.63
C PRO D 146 -2.61 -40.00 -7.58
N LEU D 147 -3.08 -38.80 -7.25
CA LEU D 147 -3.98 -38.09 -8.16
C LEU D 147 -3.26 -37.63 -9.41
N TYR D 148 -1.98 -37.27 -9.31
CA TYR D 148 -1.22 -36.84 -10.48
C TYR D 148 -1.09 -37.97 -11.49
N SER D 149 -0.91 -39.20 -11.01
CA SER D 149 -0.70 -40.34 -11.90
C SER D 149 -1.95 -40.71 -12.70
N GLN D 150 -3.12 -40.19 -12.33
CA GLN D 150 -4.37 -40.54 -12.99
C GLN D 150 -5.02 -39.39 -13.75
N ASP D 151 -4.75 -38.15 -13.37
CA ASP D 151 -5.42 -36.99 -13.96
C ASP D 151 -4.63 -36.53 -15.19
N ARG D 152 -5.31 -36.45 -16.34
CA ARG D 152 -4.64 -36.05 -17.57
C ARG D 152 -4.33 -34.56 -17.58
N ILE D 153 -5.12 -33.75 -16.86
CA ILE D 153 -4.88 -32.31 -16.86
C ILE D 153 -3.64 -31.98 -16.02
N LEU D 154 -3.47 -32.66 -14.88
CA LEU D 154 -2.28 -32.45 -14.07
C LEU D 154 -1.01 -32.88 -14.80
N GLN D 155 -1.08 -33.99 -15.54
CA GLN D 155 0.09 -34.47 -16.26
C GLN D 155 0.46 -33.56 -17.42
N ALA D 156 -0.51 -32.92 -18.05
CA ALA D 156 -0.26 -32.10 -19.21
C ALA D 156 0.13 -30.66 -18.86
N MET D 157 -0.23 -30.19 -17.67
CA MET D 157 -0.03 -28.78 -17.30
C MET D 157 0.71 -28.73 -15.97
N GLY D 158 2.03 -28.52 -16.03
CA GLY D 158 2.83 -28.45 -14.83
C GLY D 158 2.51 -27.26 -13.95
N ASN D 159 2.01 -26.18 -14.55
CA ASN D 159 1.65 -25.01 -13.75
C ASN D 159 0.47 -25.30 -12.83
N ILE D 160 -0.53 -26.05 -13.33
CA ILE D 160 -1.64 -26.45 -12.48
C ILE D 160 -1.18 -27.44 -11.42
N ALA D 161 -0.25 -28.33 -11.79
CA ALA D 161 0.30 -29.26 -10.81
C ALA D 161 1.02 -28.53 -9.69
N LEU D 162 1.75 -27.46 -10.02
CA LEU D 162 2.39 -26.66 -8.99
C LEU D 162 1.38 -25.98 -8.09
N ALA D 163 0.25 -25.55 -8.67
CA ALA D 163 -0.78 -24.89 -7.87
C ALA D 163 -1.38 -25.83 -6.84
N PHE D 164 -1.64 -27.07 -7.22
CA PHE D 164 -2.15 -28.04 -6.25
C PHE D 164 -1.07 -28.53 -5.32
N HIS D 165 0.17 -28.64 -5.80
CA HIS D 165 1.29 -28.93 -4.91
C HIS D 165 1.41 -27.85 -3.84
N LEU D 166 1.17 -26.60 -4.21
CA LEU D 166 1.22 -25.51 -3.25
C LEU D 166 0.06 -25.58 -2.26
N LEU D 167 -1.13 -25.95 -2.74
CA LEU D 167 -2.30 -26.02 -1.87
C LEU D 167 -2.21 -27.20 -0.90
N CYS D 168 -1.77 -28.36 -1.39
CA CYS D 168 -1.66 -29.53 -0.53
C CYS D 168 -0.61 -29.33 0.56
N GLU D 169 0.53 -28.74 0.21
CA GLU D 169 1.55 -28.47 1.21
C GLU D 169 1.12 -27.34 2.15
N ARG D 170 0.32 -26.39 1.65
CA ARG D 170 -0.20 -25.34 2.51
C ARG D 170 -1.08 -25.91 3.60
N ALA D 171 -1.87 -26.94 3.28
CA ALA D 171 -2.75 -27.59 4.24
C ALA D 171 -2.09 -28.72 4.99
N SER D 172 -0.77 -28.86 4.86
CA SER D 172 -0.02 -29.88 5.60
C SER D 172 0.83 -29.17 6.66
N PRO D 173 0.48 -29.27 7.94
CA PRO D 173 1.22 -28.51 8.97
C PRO D 173 2.68 -28.87 9.07
N ASN D 174 3.05 -30.12 8.80
CA ASN D 174 4.43 -30.58 8.89
C ASN D 174 5.13 -30.59 7.54
N SER D 175 4.68 -29.79 6.59
CA SER D 175 5.27 -29.77 5.28
C SER D 175 6.67 -29.17 5.31
N PHE D 176 7.55 -29.72 4.46
CA PHE D 176 8.92 -29.23 4.38
C PHE D 176 8.97 -27.79 3.89
N TRP D 177 8.00 -27.37 3.09
CA TRP D 177 7.99 -26.04 2.50
C TRP D 177 7.13 -25.05 3.27
N GLN D 178 6.71 -25.39 4.49
CA GLN D 178 5.91 -24.46 5.29
C GLN D 178 6.57 -23.10 5.48
N PRO D 179 7.88 -22.98 5.77
CA PRO D 179 8.46 -21.64 5.90
C PRO D 179 8.32 -20.80 4.64
N TYR D 180 8.32 -21.44 3.46
CA TYR D 180 8.12 -20.69 2.22
C TYR D 180 6.66 -20.31 2.02
N ILE D 181 5.73 -21.24 2.28
CA ILE D 181 4.33 -20.97 2.04
C ILE D 181 3.80 -19.92 3.01
N GLN D 182 4.25 -19.97 4.27
CA GLN D 182 3.78 -19.01 5.25
C GLN D 182 4.29 -17.59 5.00
N THR D 183 5.27 -17.42 4.11
CA THR D 183 5.76 -16.10 3.75
C THR D 183 5.24 -15.63 2.40
N LEU D 184 4.45 -16.44 1.70
CA LEU D 184 3.85 -16.02 0.45
C LEU D 184 2.76 -14.98 0.72
N PRO D 185 2.45 -14.14 -0.26
CA PRO D 185 1.33 -13.21 -0.11
C PRO D 185 0.02 -13.97 0.02
N SER D 186 -0.97 -13.31 0.62
N SER D 186 -0.97 -13.31 0.62
CA SER D 186 -2.32 -13.85 0.74
CA SER D 186 -2.32 -13.85 0.74
C SER D 186 -3.25 -13.34 -0.35
C SER D 186 -3.26 -13.32 -0.33
N GLU D 187 -2.83 -12.31 -1.10
CA GLU D 187 -3.65 -11.76 -2.17
C GLU D 187 -2.70 -11.25 -3.26
N TYR D 188 -3.25 -11.07 -4.46
CA TYR D 188 -2.45 -10.63 -5.59
C TYR D 188 -3.24 -9.59 -6.38
N ASP D 189 -2.56 -8.95 -7.33
CA ASP D 189 -3.19 -7.99 -8.23
C ASP D 189 -3.33 -8.52 -9.64
N THR D 190 -3.33 -9.83 -9.82
CA THR D 190 -3.72 -10.39 -11.11
C THR D 190 -5.18 -10.05 -11.39
N PRO D 191 -5.59 -10.00 -12.66
CA PRO D 191 -6.98 -9.63 -12.99
C PRO D 191 -8.03 -10.53 -12.35
N LEU D 192 -7.65 -11.71 -11.87
CA LEU D 192 -8.60 -12.55 -11.13
C LEU D 192 -9.13 -11.86 -9.88
N TYR D 193 -8.40 -10.89 -9.33
CA TYR D 193 -8.82 -10.16 -8.16
C TYR D 193 -9.47 -8.82 -8.48
N PHE D 194 -9.59 -8.47 -9.76
CA PHE D 194 -10.16 -7.18 -10.13
C PHE D 194 -11.67 -7.15 -9.92
N GLU D 195 -12.18 -5.97 -9.60
CA GLU D 195 -13.61 -5.76 -9.61
CA GLU D 195 -13.62 -5.78 -9.61
C GLU D 195 -14.13 -5.68 -11.04
N GLU D 196 -15.44 -5.85 -11.20
CA GLU D 196 -16.03 -5.81 -12.53
C GLU D 196 -15.73 -4.49 -13.23
N ASP D 197 -15.92 -3.37 -12.53
CA ASP D 197 -15.69 -2.06 -13.14
C ASP D 197 -14.21 -1.78 -13.36
N GLU D 198 -13.32 -2.47 -12.66
CA GLU D 198 -11.89 -2.31 -12.94
C GLU D 198 -11.51 -2.99 -14.24
N VAL D 199 -12.10 -4.15 -14.53
CA VAL D 199 -11.87 -4.79 -15.83
C VAL D 199 -12.58 -4.02 -16.93
N ARG D 200 -13.71 -3.37 -16.62
CA ARG D 200 -14.48 -2.65 -17.63
C ARG D 200 -13.64 -1.58 -18.31
N TYR D 201 -12.65 -1.02 -17.61
CA TYR D 201 -11.75 -0.05 -18.23
C TYR D 201 -11.05 -0.61 -19.46
N LEU D 202 -10.89 -1.94 -19.53
CA LEU D 202 -10.15 -2.58 -20.60
C LEU D 202 -11.01 -2.93 -21.81
N GLN D 203 -12.28 -2.53 -21.83
CA GLN D 203 -13.12 -2.80 -22.99
C GLN D 203 -12.53 -2.17 -24.24
N SER D 204 -12.59 -2.93 -25.35
CA SER D 204 -12.09 -2.57 -26.68
C SER D 204 -10.57 -2.58 -26.78
N THR D 205 -9.87 -3.16 -25.82
CA THR D 205 -8.41 -3.29 -25.90
C THR D 205 -8.03 -4.67 -26.40
N GLN D 206 -6.73 -4.83 -26.69
CA GLN D 206 -6.21 -6.15 -27.04
C GLN D 206 -6.14 -7.05 -25.82
N ALA D 207 -5.80 -6.50 -24.66
CA ALA D 207 -5.48 -7.31 -23.50
C ALA D 207 -6.72 -7.94 -22.84
N ILE D 208 -7.91 -7.39 -23.09
CA ILE D 208 -9.07 -7.83 -22.33
C ILE D 208 -9.45 -9.27 -22.66
N HIS D 209 -9.16 -9.72 -23.88
CA HIS D 209 -9.48 -11.10 -24.24
C HIS D 209 -8.71 -12.10 -23.39
N ASP D 210 -7.43 -11.83 -23.14
CA ASP D 210 -6.65 -12.71 -22.27
C ASP D 210 -7.13 -12.62 -20.82
N VAL D 211 -7.66 -11.46 -20.42
CA VAL D 211 -8.29 -11.36 -19.10
C VAL D 211 -9.53 -12.24 -19.05
N PHE D 212 -10.36 -12.20 -20.11
CA PHE D 212 -11.53 -13.07 -20.19
C PHE D 212 -11.12 -14.54 -20.10
N SER D 213 -10.12 -14.93 -20.89
CA SER D 213 -9.69 -16.33 -20.91
C SER D 213 -9.15 -16.75 -19.57
N GLN D 214 -8.36 -15.90 -18.92
CA GLN D 214 -7.81 -16.23 -17.61
C GLN D 214 -8.93 -16.49 -16.60
N TYR D 215 -9.98 -15.66 -16.62
CA TYR D 215 -11.07 -15.84 -15.67
C TYR D 215 -11.85 -17.12 -15.97
N LYS D 216 -12.14 -17.36 -17.26
CA LYS D 216 -12.91 -18.55 -17.62
C LYS D 216 -12.10 -19.83 -17.39
N ASN D 217 -10.81 -19.82 -17.72
CA ASN D 217 -9.98 -21.00 -17.49
C ASN D 217 -9.89 -21.33 -16.00
N THR D 218 -9.65 -20.30 -15.17
CA THR D 218 -9.52 -20.53 -13.73
C THR D 218 -10.82 -21.09 -13.15
N ALA D 219 -11.97 -20.53 -13.56
CA ALA D 219 -13.25 -21.01 -13.04
C ALA D 219 -13.53 -22.43 -13.50
N ARG D 220 -13.26 -22.73 -14.79
CA ARG D 220 -13.45 -24.08 -15.28
C ARG D 220 -12.57 -25.07 -14.54
N GLN D 221 -11.31 -24.71 -14.31
CA GLN D 221 -10.39 -25.63 -13.65
C GLN D 221 -10.81 -25.89 -12.21
N TYR D 222 -11.29 -24.86 -11.50
CA TYR D 222 -11.75 -25.07 -10.13
C TYR D 222 -12.94 -26.00 -10.09
N ALA D 223 -13.93 -25.76 -10.94
CA ALA D 223 -15.13 -26.61 -10.96
C ALA D 223 -14.78 -28.04 -11.32
N TYR D 224 -13.87 -28.23 -12.29
CA TYR D 224 -13.46 -29.58 -12.67
C TYR D 224 -12.78 -30.29 -11.51
N PHE D 225 -11.74 -29.68 -10.94
CA PHE D 225 -10.98 -30.36 -9.90
C PHE D 225 -11.77 -30.51 -8.61
N TYR D 226 -12.72 -29.62 -8.34
CA TYR D 226 -13.57 -29.79 -7.16
C TYR D 226 -14.35 -31.09 -7.25
N LYS D 227 -14.93 -31.38 -8.42
CA LYS D 227 -15.66 -32.64 -8.59
C LYS D 227 -14.72 -33.84 -8.60
N VAL D 228 -13.51 -33.67 -9.14
CA VAL D 228 -12.54 -34.76 -9.18
C VAL D 228 -12.12 -35.13 -7.76
N ILE D 229 -11.85 -34.13 -6.91
CA ILE D 229 -11.40 -34.41 -5.56
C ILE D 229 -12.49 -35.11 -4.75
N GLN D 230 -13.76 -34.76 -4.97
CA GLN D 230 -14.84 -35.36 -4.21
C GLN D 230 -15.20 -36.77 -4.65
N THR D 231 -14.62 -37.27 -5.74
CA THR D 231 -15.00 -38.58 -6.25
C THR D 231 -13.82 -39.54 -6.40
N HIS D 232 -12.71 -39.07 -6.95
CA HIS D 232 -11.57 -39.94 -7.23
C HIS D 232 -10.98 -40.48 -5.93
N PRO D 233 -10.90 -41.81 -5.75
CA PRO D 233 -10.33 -42.34 -4.50
C PRO D 233 -8.88 -41.98 -4.28
N HIS D 234 -8.13 -41.64 -5.35
CA HIS D 234 -6.76 -41.21 -5.19
C HIS D 234 -6.65 -39.82 -4.56
N ALA D 235 -7.77 -39.13 -4.37
CA ALA D 235 -7.81 -37.85 -3.68
C ALA D 235 -8.37 -37.97 -2.27
N ASN D 236 -8.59 -39.19 -1.78
CA ASN D 236 -9.12 -39.36 -0.43
C ASN D 236 -8.16 -38.83 0.62
N LYS D 237 -6.86 -39.11 0.46
CA LYS D 237 -5.86 -38.69 1.43
C LYS D 237 -5.47 -37.22 1.28
N LEU D 238 -5.99 -36.52 0.28
CA LEU D 238 -5.63 -35.11 0.10
C LEU D 238 -6.37 -34.25 1.12
N PRO D 239 -5.71 -33.23 1.68
CA PRO D 239 -6.41 -32.31 2.58
C PRO D 239 -7.49 -31.49 1.89
N LEU D 240 -7.42 -31.34 0.56
CA LEU D 240 -8.44 -30.59 -0.17
C LEU D 240 -9.78 -31.30 -0.16
N LYS D 241 -9.81 -32.59 0.20
CA LYS D 241 -11.08 -33.32 0.25
C LYS D 241 -12.04 -32.69 1.25
N ASP D 242 -11.52 -32.17 2.36
CA ASP D 242 -12.36 -31.57 3.38
C ASP D 242 -12.67 -30.10 3.09
N SER D 243 -11.76 -29.38 2.46
CA SER D 243 -11.97 -27.96 2.17
C SER D 243 -11.15 -27.57 0.96
N PHE D 244 -11.85 -27.12 -0.10
CA PHE D 244 -11.20 -26.65 -1.32
C PHE D 244 -12.09 -25.58 -1.92
N THR D 245 -11.86 -24.33 -1.52
CA THR D 245 -12.67 -23.20 -1.93
C THR D 245 -12.11 -22.58 -3.21
N TYR D 246 -12.95 -21.77 -3.88
CA TYR D 246 -12.47 -21.03 -5.04
C TYR D 246 -11.34 -20.09 -4.66
N GLU D 247 -11.40 -19.50 -3.47
CA GLU D 247 -10.32 -18.62 -3.03
C GLU D 247 -9.00 -19.37 -2.95
N ASP D 248 -9.04 -20.63 -2.52
CA ASP D 248 -7.84 -21.47 -2.53
C ASP D 248 -7.24 -21.55 -3.92
N TYR D 249 -8.07 -21.82 -4.93
CA TYR D 249 -7.56 -22.03 -6.28
C TYR D 249 -7.08 -20.72 -6.89
N ARG D 250 -7.84 -19.64 -6.71
CA ARG D 250 -7.40 -18.34 -7.22
C ARG D 250 -6.06 -17.95 -6.60
N TRP D 251 -5.90 -18.17 -5.30
CA TRP D 251 -4.61 -17.89 -4.66
C TRP D 251 -3.51 -18.77 -5.22
N ALA D 252 -3.80 -20.04 -5.46
CA ALA D 252 -2.77 -20.98 -5.89
C ALA D 252 -2.27 -20.65 -7.29
N VAL D 253 -3.20 -20.45 -8.24
CA VAL D 253 -2.78 -20.17 -9.60
C VAL D 253 -2.15 -18.79 -9.70
N SER D 254 -2.59 -17.84 -8.87
CA SER D 254 -1.97 -16.51 -8.88
C SER D 254 -0.58 -16.57 -8.28
N SER D 255 -0.40 -17.37 -7.23
CA SER D 255 0.94 -17.57 -6.68
C SER D 255 1.88 -18.15 -7.72
N VAL D 256 1.39 -19.12 -8.51
CA VAL D 256 2.25 -19.78 -9.49
C VAL D 256 2.54 -18.84 -10.65
N MET D 257 1.50 -18.18 -11.20
CA MET D 257 1.71 -17.38 -12.40
C MET D 257 2.60 -16.16 -12.12
N THR D 258 2.53 -15.61 -10.91
CA THR D 258 3.36 -14.46 -10.58
C THR D 258 4.77 -14.84 -10.14
N ARG D 259 5.06 -16.13 -9.94
CA ARG D 259 6.33 -16.51 -9.34
C ARG D 259 7.03 -17.71 -9.98
N GLN D 260 6.39 -18.47 -10.86
CA GLN D 260 6.99 -19.71 -11.34
C GLN D 260 8.15 -19.44 -12.29
N ASN D 261 9.02 -20.44 -12.41
CA ASN D 261 10.23 -20.35 -13.21
C ASN D 261 10.44 -21.65 -13.98
N GLN D 262 11.16 -21.55 -15.09
CA GLN D 262 11.60 -22.72 -15.84
C GLN D 262 13.06 -23.00 -15.49
N ILE D 263 13.33 -24.24 -15.09
CA ILE D 263 14.68 -24.66 -14.74
C ILE D 263 14.94 -26.00 -15.43
N PRO D 264 16.21 -26.35 -15.65
CA PRO D 264 16.52 -27.68 -16.17
C PRO D 264 16.28 -28.75 -15.11
N THR D 265 16.05 -29.96 -15.60
CA THR D 265 15.90 -31.10 -14.70
C THR D 265 17.25 -31.43 -14.07
N GLU D 266 17.25 -32.41 -13.15
CA GLU D 266 18.47 -32.79 -12.46
C GLU D 266 19.56 -33.23 -13.42
N ASP D 267 19.18 -33.78 -14.58
CA ASP D 267 20.15 -34.21 -15.57
C ASP D 267 20.50 -33.12 -16.58
N GLY D 268 19.69 -32.06 -16.68
CA GLY D 268 19.91 -31.04 -17.67
C GLY D 268 19.42 -31.39 -19.05
N SER D 269 18.62 -32.45 -19.19
CA SER D 269 18.12 -32.87 -20.49
C SER D 269 16.76 -32.29 -20.83
N ARG D 270 15.93 -32.01 -19.81
CA ARG D 270 14.61 -31.45 -20.02
C ARG D 270 14.42 -30.25 -19.10
N VAL D 271 13.31 -29.54 -19.32
CA VAL D 271 12.97 -28.37 -18.52
C VAL D 271 11.73 -28.69 -17.70
N THR D 272 11.61 -28.02 -16.55
CA THR D 272 10.46 -28.20 -15.67
C THR D 272 10.11 -26.85 -15.06
N LEU D 273 8.96 -26.81 -14.38
CA LEU D 273 8.50 -25.60 -13.70
C LEU D 273 8.81 -25.71 -12.21
N ALA D 274 9.15 -24.57 -11.61
CA ALA D 274 9.57 -24.58 -10.21
C ALA D 274 9.31 -23.23 -9.57
N LEU D 275 9.02 -23.29 -8.27
CA LEU D 275 8.99 -22.10 -7.41
C LEU D 275 10.32 -22.05 -6.66
N ILE D 276 10.95 -20.87 -6.66
CA ILE D 276 12.28 -20.72 -6.08
C ILE D 276 12.18 -19.85 -4.84
N PRO D 277 12.19 -20.43 -3.64
CA PRO D 277 12.03 -19.63 -2.42
C PRO D 277 13.17 -18.64 -2.25
N LEU D 278 12.89 -17.60 -1.45
CA LEU D 278 13.82 -16.54 -1.09
C LEU D 278 14.18 -15.67 -2.29
N TRP D 279 14.75 -16.26 -3.34
CA TRP D 279 15.13 -15.47 -4.51
C TRP D 279 13.93 -14.83 -5.17
N ASP D 280 12.77 -15.51 -5.16
CA ASP D 280 11.62 -14.95 -5.85
C ASP D 280 10.99 -13.78 -5.11
N MET D 281 11.56 -13.37 -3.97
CA MET D 281 11.14 -12.15 -3.30
C MET D 281 11.67 -10.89 -3.97
N CYS D 282 12.59 -11.02 -4.92
CA CYS D 282 13.15 -9.86 -5.60
C CYS D 282 12.12 -9.25 -6.54
N ASN D 283 12.02 -7.92 -6.52
CA ASN D 283 11.12 -7.21 -7.40
C ASN D 283 11.83 -6.81 -8.68
N HIS D 284 11.04 -6.32 -9.64
CA HIS D 284 11.48 -6.16 -11.02
C HIS D 284 11.95 -4.74 -11.31
N THR D 285 13.02 -4.63 -12.09
CA THR D 285 13.44 -3.37 -12.70
C THR D 285 13.99 -3.68 -14.09
N ASN D 286 14.21 -2.63 -14.88
CA ASN D 286 14.74 -2.82 -16.23
C ASN D 286 16.19 -3.29 -16.16
N GLY D 287 16.57 -4.14 -17.11
CA GLY D 287 17.93 -4.64 -17.16
C GLY D 287 18.01 -5.92 -17.97
N LEU D 288 18.91 -6.79 -17.52
CA LEU D 288 19.14 -8.08 -18.16
C LEU D 288 18.98 -9.20 -17.13
N ILE D 289 18.67 -10.40 -17.63
CA ILE D 289 18.53 -11.56 -16.76
C ILE D 289 19.91 -11.95 -16.25
N THR D 290 20.11 -11.87 -14.93
CA THR D 290 21.37 -12.24 -14.30
C THR D 290 21.19 -13.40 -13.33
N THR D 291 20.07 -14.12 -13.42
CA THR D 291 19.85 -15.34 -12.66
C THR D 291 19.92 -16.54 -13.60
N GLY D 292 20.76 -17.50 -13.25
CA GLY D 292 20.88 -18.72 -14.01
C GLY D 292 20.98 -19.92 -13.09
N TYR D 293 20.72 -21.09 -13.64
CA TYR D 293 20.80 -22.33 -12.89
C TYR D 293 22.17 -22.97 -13.08
N ASN D 294 22.81 -23.32 -11.97
CA ASN D 294 24.11 -23.98 -11.97
C ASN D 294 23.86 -25.47 -11.78
N LEU D 295 23.97 -26.23 -12.87
CA LEU D 295 23.68 -27.66 -12.81
C LEU D 295 24.78 -28.43 -12.09
N GLU D 296 26.02 -27.95 -12.17
CA GLU D 296 27.13 -28.64 -11.51
C GLU D 296 26.95 -28.64 -10.00
N ASP D 297 26.54 -27.51 -9.43
CA ASP D 297 26.26 -27.40 -8.00
C ASP D 297 24.78 -27.55 -7.67
N ASP D 298 23.93 -27.74 -8.68
CA ASP D 298 22.51 -28.02 -8.50
C ASP D 298 21.83 -26.94 -7.66
N ARG D 299 21.95 -25.70 -8.13
CA ARG D 299 21.40 -24.58 -7.39
C ARG D 299 21.14 -23.40 -8.33
N CYS D 300 20.14 -22.60 -7.98
N CYS D 300 20.12 -22.63 -8.00
CA CYS D 300 19.85 -21.37 -8.71
CA CYS D 300 19.87 -21.36 -8.69
C CYS D 300 20.77 -20.26 -8.21
C CYS D 300 20.86 -20.32 -8.19
N GLU D 301 21.39 -19.53 -9.12
CA GLU D 301 22.37 -18.49 -8.79
C GLU D 301 21.97 -17.17 -9.41
N CYS D 302 22.07 -16.10 -8.62
CA CYS D 302 21.72 -14.76 -9.06
C CYS D 302 22.88 -13.82 -8.75
N VAL D 303 23.37 -13.13 -9.77
CA VAL D 303 24.39 -12.12 -9.59
C VAL D 303 23.72 -10.75 -9.68
N ALA D 304 24.35 -9.76 -9.04
CA ALA D 304 23.73 -8.45 -8.92
C ALA D 304 23.57 -7.79 -10.28
N LEU D 305 22.34 -7.37 -10.59
CA LEU D 305 22.08 -6.66 -11.85
C LEU D 305 22.83 -5.34 -11.91
N GLN D 306 22.99 -4.68 -10.77
CA GLN D 306 23.68 -3.39 -10.70
C GLN D 306 24.25 -3.24 -9.30
N ASP D 307 24.96 -2.14 -9.07
CA ASP D 307 25.46 -1.84 -7.74
C ASP D 307 24.31 -1.50 -6.81
N PHE D 308 24.27 -2.18 -5.66
CA PHE D 308 23.26 -1.93 -4.63
C PHE D 308 23.98 -1.50 -3.36
N ARG D 309 23.81 -0.24 -2.98
CA ARG D 309 24.35 0.21 -1.71
C ARG D 309 23.49 -0.31 -0.56
N ALA D 310 24.08 -0.34 0.63
CA ALA D 310 23.34 -0.68 1.83
C ALA D 310 22.14 0.24 1.97
N GLY D 311 20.97 -0.36 2.21
CA GLY D 311 19.74 0.39 2.31
C GLY D 311 18.97 0.56 1.01
N GLU D 312 19.50 0.06 -0.11
CA GLU D 312 18.80 0.13 -1.38
C GLU D 312 18.13 -1.21 -1.67
N GLN D 313 16.96 -1.15 -2.30
CA GLN D 313 16.26 -2.38 -2.65
C GLN D 313 17.03 -3.13 -3.74
N ILE D 314 17.14 -4.45 -3.56
CA ILE D 314 17.77 -5.32 -4.53
C ILE D 314 16.73 -5.71 -5.58
N TYR D 315 16.97 -5.32 -6.83
CA TYR D 315 16.09 -5.62 -7.93
C TYR D 315 16.70 -6.68 -8.83
N ILE D 316 15.83 -7.38 -9.57
CA ILE D 316 16.22 -8.25 -10.67
C ILE D 316 15.40 -7.87 -11.89
N PHE D 317 15.77 -8.42 -13.03
CA PHE D 317 15.05 -8.22 -14.29
C PHE D 317 14.27 -9.49 -14.60
N TYR D 318 12.94 -9.43 -14.46
CA TYR D 318 12.13 -10.63 -14.63
C TYR D 318 12.27 -11.22 -16.03
N GLY D 319 12.23 -10.36 -17.04
CA GLY D 319 12.28 -10.81 -18.41
C GLY D 319 11.76 -9.73 -19.34
N THR D 320 11.89 -10.00 -20.64
CA THR D 320 11.50 -9.04 -21.67
C THR D 320 9.99 -9.09 -21.93
N ARG D 321 9.19 -9.09 -20.88
CA ARG D 321 7.75 -9.23 -21.02
C ARG D 321 7.08 -7.87 -21.19
N SER D 322 5.94 -7.89 -21.88
CA SER D 322 5.17 -6.68 -22.11
C SER D 322 4.39 -6.31 -20.85
N ASN D 323 3.86 -5.09 -20.84
CA ASN D 323 3.03 -4.67 -19.71
C ASN D 323 1.71 -5.43 -19.66
N ALA D 324 1.22 -5.88 -20.82
N ALA D 324 1.22 -5.88 -20.82
CA ALA D 324 0.04 -6.73 -20.83
CA ALA D 324 0.04 -6.73 -20.83
C ALA D 324 0.32 -8.06 -20.13
C ALA D 324 0.32 -8.06 -20.13
N GLU D 325 1.50 -8.63 -20.38
CA GLU D 325 1.86 -9.88 -19.70
C GLU D 325 2.16 -9.62 -18.23
N PHE D 326 2.81 -8.50 -17.91
N PHE D 326 2.81 -8.50 -17.91
CA PHE D 326 3.09 -8.17 -16.52
CA PHE D 326 3.09 -8.17 -16.52
C PHE D 326 1.80 -7.99 -15.72
C PHE D 326 1.80 -7.99 -15.72
N VAL D 327 0.79 -7.35 -16.33
CA VAL D 327 -0.48 -7.14 -15.62
C VAL D 327 -1.20 -8.47 -15.45
N ILE D 328 -1.38 -9.21 -16.55
CA ILE D 328 -2.23 -10.39 -16.52
C ILE D 328 -1.57 -11.53 -15.74
N HIS D 329 -0.27 -11.74 -15.93
CA HIS D 329 0.39 -12.90 -15.34
C HIS D 329 1.24 -12.57 -14.12
N SER D 330 1.74 -11.35 -13.99
CA SER D 330 2.51 -10.97 -12.80
C SER D 330 1.78 -10.00 -11.89
N GLY D 331 0.64 -9.45 -12.32
CA GLY D 331 -0.15 -8.61 -11.45
C GLY D 331 0.44 -7.25 -11.13
N PHE D 332 1.17 -6.65 -12.06
CA PHE D 332 1.61 -5.27 -11.89
C PHE D 332 1.86 -4.65 -13.26
N PHE D 333 1.75 -3.33 -13.31
CA PHE D 333 2.12 -2.55 -14.49
C PHE D 333 3.47 -1.90 -14.22
N PHE D 334 4.40 -2.07 -15.16
CA PHE D 334 5.76 -1.54 -15.00
C PHE D 334 5.89 -0.28 -15.85
N ASP D 335 6.03 0.87 -15.17
CA ASP D 335 6.27 2.11 -15.88
C ASP D 335 7.61 2.05 -16.61
N ASN D 336 7.65 2.64 -17.80
CA ASN D 336 8.85 2.70 -18.62
C ASN D 336 9.39 1.29 -18.92
N ASN D 337 8.49 0.40 -19.32
CA ASN D 337 8.86 -0.94 -19.75
C ASN D 337 9.53 -0.85 -21.12
N SER D 338 10.84 -1.10 -21.16
CA SER D 338 11.58 -1.01 -22.42
C SER D 338 11.18 -2.07 -23.42
N HIS D 339 10.48 -3.12 -22.99
CA HIS D 339 10.07 -4.21 -23.88
C HIS D 339 8.57 -4.23 -24.11
N ASP D 340 7.86 -3.15 -23.77
CA ASP D 340 6.42 -3.11 -23.98
C ASP D 340 6.10 -3.17 -25.47
N ARG D 341 5.00 -3.82 -25.80
CA ARG D 341 4.64 -4.03 -27.20
C ARG D 341 3.15 -4.31 -27.30
N VAL D 342 2.62 -4.10 -28.51
CA VAL D 342 1.25 -4.46 -28.85
C VAL D 342 1.30 -5.38 -30.06
N LYS D 343 0.24 -6.15 -30.24
CA LYS D 343 0.16 -7.11 -31.32
C LYS D 343 -0.51 -6.48 -32.54
N ILE D 344 -0.06 -6.90 -33.72
CA ILE D 344 -0.68 -6.47 -34.97
C ILE D 344 -0.75 -7.69 -35.88
N LYS D 345 -1.95 -8.00 -36.35
CA LYS D 345 -2.19 -9.18 -37.18
C LYS D 345 -2.13 -8.78 -38.65
N LEU D 346 -1.20 -9.40 -39.39
CA LEU D 346 -1.00 -9.07 -40.79
C LEU D 346 -0.85 -10.35 -41.59
N GLY D 347 -1.36 -10.33 -42.82
CA GLY D 347 -1.28 -11.49 -43.68
C GLY D 347 -1.56 -11.12 -45.12
N VAL D 348 -0.91 -11.83 -46.03
CA VAL D 348 -1.14 -11.65 -47.46
C VAL D 348 -2.47 -12.30 -47.81
N SER D 349 -3.35 -11.53 -48.44
CA SER D 349 -4.67 -12.04 -48.81
C SER D 349 -4.57 -12.90 -50.08
N LYS D 350 -5.36 -13.98 -50.10
CA LYS D 350 -5.42 -14.79 -51.31
C LYS D 350 -6.12 -14.05 -52.45
N SER D 351 -6.86 -12.97 -52.13
CA SER D 351 -7.40 -12.11 -53.17
C SER D 351 -6.31 -11.35 -53.92
N ASP D 352 -5.12 -11.24 -53.35
CA ASP D 352 -4.01 -10.58 -54.02
C ASP D 352 -3.60 -11.39 -55.24
N ARG D 353 -3.44 -10.70 -56.38
CA ARG D 353 -3.02 -11.36 -57.61
C ARG D 353 -1.59 -11.90 -57.51
N LEU D 354 -0.79 -11.38 -56.57
CA LEU D 354 0.58 -11.82 -56.37
C LEU D 354 0.74 -12.69 -55.12
N TYR D 355 -0.35 -13.33 -54.68
CA TYR D 355 -0.30 -14.12 -53.44
C TYR D 355 0.73 -15.24 -53.53
N ALA D 356 0.72 -15.99 -54.64
CA ALA D 356 1.63 -17.12 -54.77
C ALA D 356 3.08 -16.68 -54.70
N MET D 357 3.43 -15.59 -55.37
CA MET D 357 4.80 -15.11 -55.33
C MET D 357 5.16 -14.56 -53.96
N LYS D 358 4.26 -13.78 -53.35
CA LYS D 358 4.53 -13.25 -52.01
C LYS D 358 4.64 -14.38 -50.98
N ALA D 359 3.77 -15.39 -51.09
CA ALA D 359 3.82 -16.50 -50.16
C ALA D 359 5.12 -17.28 -50.28
N GLU D 360 5.66 -17.40 -51.49
CA GLU D 360 6.89 -18.14 -51.69
C GLU D 360 8.09 -17.35 -51.17
N VAL D 361 8.11 -16.02 -51.40
CA VAL D 361 9.19 -15.20 -50.87
C VAL D 361 9.22 -15.25 -49.36
N LEU D 362 8.04 -15.17 -48.72
CA LEU D 362 7.97 -15.24 -47.27
C LEU D 362 8.43 -16.59 -46.76
N ALA D 363 8.05 -17.67 -47.45
CA ALA D 363 8.46 -19.00 -47.04
C ALA D 363 9.98 -19.15 -47.08
N ARG D 364 10.61 -18.68 -48.16
CA ARG D 364 12.06 -18.72 -48.25
C ARG D 364 12.73 -17.83 -47.20
N ALA D 365 12.03 -16.81 -46.72
CA ALA D 365 12.53 -15.97 -45.64
C ALA D 365 12.16 -16.51 -44.26
N GLY D 366 11.51 -17.66 -44.18
CA GLY D 366 11.11 -18.21 -42.91
C GLY D 366 10.00 -17.46 -42.22
N ILE D 367 9.15 -16.78 -42.97
CA ILE D 367 8.06 -15.97 -42.43
C ILE D 367 6.75 -16.56 -42.93
N PRO D 368 5.77 -16.80 -42.06
CA PRO D 368 4.48 -17.30 -42.53
C PRO D 368 3.72 -16.24 -43.32
N THR D 369 2.76 -16.72 -44.11
CA THR D 369 1.96 -15.82 -44.94
C THR D 369 1.06 -14.93 -44.10
N SER D 370 0.57 -15.43 -42.98
CA SER D 370 -0.25 -14.65 -42.05
C SER D 370 0.22 -14.95 -40.63
N SER D 371 0.42 -13.90 -39.84
CA SER D 371 0.96 -14.07 -38.51
C SER D 371 0.58 -12.87 -37.64
N VAL D 372 0.89 -12.99 -36.36
CA VAL D 372 0.71 -11.91 -35.40
C VAL D 372 2.09 -11.34 -35.12
N PHE D 373 2.30 -10.08 -35.52
CA PHE D 373 3.56 -9.40 -35.30
C PHE D 373 3.43 -8.48 -34.08
N ALA D 374 4.53 -7.82 -33.74
CA ALA D 374 4.58 -6.92 -32.60
C ALA D 374 5.01 -5.53 -33.04
N LEU D 375 4.42 -4.51 -32.42
CA LEU D 375 4.88 -3.13 -32.53
C LEU D 375 5.47 -2.73 -31.19
N HIS D 376 6.68 -2.20 -31.21
CA HIS D 376 7.39 -1.87 -29.99
C HIS D 376 7.39 -0.36 -29.75
N PHE D 377 7.52 0.02 -28.47
CA PHE D 377 7.59 1.42 -28.12
C PHE D 377 9.02 1.95 -28.27
N THR D 378 10.01 1.16 -27.87
CA THR D 378 11.39 1.57 -28.01
C THR D 378 11.88 1.33 -29.45
N GLU D 379 13.00 1.96 -29.78
CA GLU D 379 13.55 1.82 -31.12
C GLU D 379 14.21 0.45 -31.29
N PRO D 380 13.98 -0.24 -32.42
CA PRO D 380 13.10 0.19 -33.51
C PRO D 380 11.65 -0.20 -33.27
N PRO D 381 10.70 0.53 -33.87
CA PRO D 381 9.28 0.21 -33.64
C PRO D 381 8.86 -1.12 -34.25
N ILE D 382 9.50 -1.56 -35.33
CA ILE D 382 9.18 -2.84 -35.95
C ILE D 382 10.43 -3.70 -35.98
N SER D 383 10.23 -5.01 -35.83
CA SER D 383 11.34 -5.94 -35.83
C SER D 383 11.79 -6.25 -37.26
N ALA D 384 12.87 -7.03 -37.37
CA ALA D 384 13.37 -7.40 -38.68
C ALA D 384 12.38 -8.28 -39.42
N GLN D 385 11.67 -9.15 -38.71
CA GLN D 385 10.70 -10.03 -39.37
C GLN D 385 9.49 -9.25 -39.86
N LEU D 386 9.04 -8.25 -39.08
CA LEU D 386 7.91 -7.44 -39.53
C LEU D 386 8.30 -6.55 -40.70
N LEU D 387 9.50 -5.97 -40.66
CA LEU D 387 9.98 -5.19 -41.80
C LEU D 387 10.07 -6.04 -43.06
N ALA D 388 10.61 -7.26 -42.92
CA ALA D 388 10.69 -8.15 -44.07
C ALA D 388 9.30 -8.50 -44.61
N PHE D 389 8.34 -8.73 -43.71
CA PHE D 389 6.98 -9.03 -44.16
C PHE D 389 6.38 -7.84 -44.89
N LEU D 390 6.51 -6.64 -44.32
CA LEU D 390 5.92 -5.46 -44.94
C LEU D 390 6.52 -5.17 -46.30
N ARG D 391 7.83 -5.42 -46.46
CA ARG D 391 8.47 -5.23 -47.75
C ARG D 391 7.86 -6.17 -48.79
N VAL D 392 7.77 -7.46 -48.47
CA VAL D 392 7.18 -8.43 -49.41
C VAL D 392 5.71 -8.09 -49.64
N PHE D 393 5.02 -7.63 -48.59
CA PHE D 393 3.62 -7.28 -48.70
C PHE D 393 3.38 -6.19 -49.75
N CYS D 394 4.35 -5.30 -49.93
CA CYS D 394 4.20 -4.16 -50.85
C CYS D 394 5.07 -4.28 -52.10
N MET D 395 5.67 -5.45 -52.34
CA MET D 395 6.52 -5.59 -53.51
CA MET D 395 6.52 -5.63 -53.51
C MET D 395 5.70 -5.68 -54.80
N THR D 396 6.29 -5.17 -55.88
CA THR D 396 5.73 -5.35 -57.20
C THR D 396 6.09 -6.74 -57.73
N GLU D 397 5.48 -7.10 -58.85
CA GLU D 397 5.79 -8.40 -59.45
C GLU D 397 7.26 -8.50 -59.83
N GLU D 398 7.84 -7.41 -60.35
CA GLU D 398 9.24 -7.43 -60.73
C GLU D 398 10.14 -7.60 -59.51
N GLU D 399 9.83 -6.89 -58.42
CA GLU D 399 10.63 -7.02 -57.21
C GLU D 399 10.52 -8.42 -56.62
N LEU D 400 9.32 -9.01 -56.67
CA LEU D 400 9.16 -10.39 -56.23
C LEU D 400 10.00 -11.35 -57.06
N LYS D 401 10.06 -11.11 -58.37
CA LYS D 401 10.89 -11.95 -59.23
C LYS D 401 12.36 -11.86 -58.84
N GLU D 402 12.82 -10.67 -58.44
CA GLU D 402 14.21 -10.50 -58.04
C GLU D 402 14.55 -11.27 -56.77
N HIS D 403 13.56 -11.61 -55.96
CA HIS D 403 13.77 -12.39 -54.75
C HIS D 403 13.49 -13.88 -54.96
N LEU D 404 13.15 -14.29 -56.18
CA LEU D 404 12.80 -15.67 -56.47
C LEU D 404 13.68 -16.32 -57.53
N LEU D 405 14.28 -15.54 -58.43
CA LEU D 405 15.04 -16.08 -59.55
C LEU D 405 16.41 -15.41 -59.62
N GLY D 406 17.41 -16.18 -60.05
CA GLY D 406 18.72 -15.65 -60.29
C GLY D 406 19.69 -15.90 -59.14
N ASP D 407 20.96 -15.63 -59.44
CA ASP D 407 22.06 -15.91 -58.51
C ASP D 407 22.06 -15.00 -57.29
N SER D 408 21.32 -13.90 -57.30
CA SER D 408 21.27 -12.97 -56.18
C SER D 408 19.98 -13.06 -55.38
N ALA D 409 19.06 -13.96 -55.74
CA ALA D 409 17.77 -14.03 -55.06
C ALA D 409 17.93 -14.36 -53.59
N ILE D 410 18.81 -15.32 -53.26
CA ILE D 410 19.01 -15.70 -51.87
C ILE D 410 19.64 -14.55 -51.08
N ASP D 411 20.55 -13.82 -51.72
CA ASP D 411 21.18 -12.67 -51.05
C ASP D 411 20.14 -11.58 -50.75
N ARG D 412 19.16 -11.41 -51.64
CA ARG D 412 18.11 -10.43 -51.38
C ARG D 412 17.18 -10.88 -50.27
N ILE D 413 16.90 -12.19 -50.19
CA ILE D 413 16.11 -12.71 -49.09
C ILE D 413 16.82 -12.49 -47.76
N PHE D 414 18.14 -12.65 -47.76
CA PHE D 414 18.92 -12.54 -46.53
C PHE D 414 18.88 -11.14 -45.94
N THR D 415 18.69 -10.12 -46.76
CA THR D 415 18.71 -8.74 -46.32
C THR D 415 17.31 -8.13 -46.20
N LEU D 416 16.26 -8.95 -46.26
CA LEU D 416 14.90 -8.41 -46.22
C LEU D 416 14.59 -7.76 -44.88
N GLY D 417 15.16 -8.26 -43.80
CA GLY D 417 14.94 -7.69 -42.49
C GLY D 417 15.89 -6.58 -42.09
N ASN D 418 16.78 -6.17 -42.98
CA ASN D 418 17.78 -5.16 -42.69
C ASN D 418 17.27 -3.79 -43.11
N SER D 419 17.23 -2.85 -42.16
CA SER D 419 16.72 -1.51 -42.45
C SER D 419 17.63 -0.71 -43.37
N GLU D 420 18.90 -1.07 -43.48
CA GLU D 420 19.85 -0.32 -44.28
C GLU D 420 19.86 -0.74 -45.75
N PHE D 421 19.18 -1.83 -46.11
CA PHE D 421 19.18 -2.35 -47.48
C PHE D 421 17.74 -2.51 -47.95
N PRO D 422 17.13 -1.42 -48.42
CA PRO D 422 15.75 -1.51 -48.91
C PRO D 422 15.68 -2.16 -50.29
N VAL D 423 14.50 -2.72 -50.57
CA VAL D 423 14.25 -3.26 -51.91
C VAL D 423 14.25 -2.14 -52.93
N SER D 424 13.61 -1.02 -52.60
CA SER D 424 13.56 0.17 -53.43
C SER D 424 12.98 1.30 -52.60
N TRP D 425 13.20 2.53 -53.05
CA TRP D 425 12.59 3.67 -52.37
C TRP D 425 11.07 3.60 -52.45
N ASP D 426 10.54 3.14 -53.59
CA ASP D 426 9.10 3.03 -53.76
C ASP D 426 8.51 1.99 -52.81
N ASN D 427 9.22 0.87 -52.62
CA ASN D 427 8.75 -0.16 -51.71
C ASN D 427 8.68 0.36 -50.28
N GLU D 428 9.68 1.15 -49.87
CA GLU D 428 9.68 1.70 -48.52
C GLU D 428 8.53 2.68 -48.32
N VAL D 429 8.33 3.58 -49.29
CA VAL D 429 7.25 4.56 -49.18
C VAL D 429 5.90 3.86 -49.03
N LYS D 430 5.71 2.75 -49.75
CA LYS D 430 4.43 2.05 -49.70
C LYS D 430 4.24 1.33 -48.37
N LEU D 431 5.29 0.70 -47.84
CA LEU D 431 5.15 -0.07 -46.60
C LEU D 431 4.95 0.85 -45.40
N TRP D 432 5.62 2.00 -45.39
CA TRP D 432 5.45 2.93 -44.29
C TRP D 432 4.11 3.68 -44.39
N THR D 433 3.63 3.92 -45.61
CA THR D 433 2.28 4.46 -45.78
C THR D 433 1.24 3.48 -45.26
N PHE D 434 1.43 2.18 -45.55
CA PHE D 434 0.50 1.18 -45.06
C PHE D 434 0.51 1.11 -43.54
N LEU D 435 1.69 1.04 -42.94
CA LEU D 435 1.78 0.93 -41.48
C LEU D 435 1.21 2.16 -40.80
N GLU D 436 1.47 3.35 -41.37
CA GLU D 436 0.90 4.57 -40.81
C GLU D 436 -0.62 4.53 -40.84
N ASP D 437 -1.20 4.06 -41.95
CA ASP D 437 -2.65 3.99 -42.05
C ASP D 437 -3.22 2.91 -41.14
N ARG D 438 -2.56 1.75 -41.06
CA ARG D 438 -3.08 0.65 -40.26
C ARG D 438 -3.00 0.97 -38.77
N ALA D 439 -1.88 1.56 -38.33
CA ALA D 439 -1.77 1.92 -36.92
C ALA D 439 -2.75 3.02 -36.55
N SER D 440 -2.97 3.98 -37.44
CA SER D 440 -3.99 5.00 -37.20
C SER D 440 -5.38 4.39 -37.14
N LEU D 441 -5.64 3.40 -38.00
CA LEU D 441 -6.93 2.72 -37.98
C LEU D 441 -7.14 1.97 -36.67
N LEU D 442 -6.09 1.30 -36.18
CA LEU D 442 -6.20 0.57 -34.92
C LEU D 442 -6.46 1.53 -33.76
N LEU D 443 -5.88 2.74 -33.81
CA LEU D 443 -6.11 3.72 -32.76
C LEU D 443 -7.58 4.09 -32.64
N LYS D 444 -8.31 4.09 -33.76
CA LYS D 444 -9.72 4.48 -33.75
C LYS D 444 -10.66 3.38 -33.26
N THR D 445 -10.14 2.20 -32.95
CA THR D 445 -10.95 1.11 -32.44
C THR D 445 -11.06 1.10 -30.92
N TYR D 446 -10.39 2.03 -30.24
CA TYR D 446 -10.46 2.12 -28.78
C TYR D 446 -11.60 3.05 -28.37
N LYS D 447 -12.24 2.72 -27.25
CA LYS D 447 -13.38 3.50 -26.79
C LYS D 447 -12.98 4.82 -26.15
N THR D 448 -11.71 5.00 -25.80
CA THR D 448 -11.21 6.27 -25.29
C THR D 448 -9.96 6.66 -26.06
N THR D 449 -9.59 7.94 -25.94
CA THR D 449 -8.39 8.45 -26.58
C THR D 449 -7.26 8.58 -25.56
N ILE D 450 -6.05 8.81 -26.08
CA ILE D 450 -4.89 8.98 -25.22
C ILE D 450 -5.08 10.17 -24.29
N GLU D 451 -5.55 11.29 -24.84
CA GLU D 451 -5.79 12.47 -24.00
C GLU D 451 -6.85 12.21 -22.94
N GLU D 452 -7.83 11.37 -23.26
CA GLU D 452 -8.88 11.07 -22.28
C GLU D 452 -8.35 10.19 -21.15
N ASP D 453 -7.47 9.23 -21.47
CA ASP D 453 -6.88 8.42 -20.40
C ASP D 453 -5.99 9.25 -19.49
N LYS D 454 -5.20 10.15 -20.07
CA LYS D 454 -4.35 11.03 -19.26
C LYS D 454 -5.19 11.88 -18.32
N SER D 455 -6.35 12.33 -18.77
CA SER D 455 -7.22 13.13 -17.92
C SER D 455 -7.81 12.31 -16.78
N VAL D 456 -8.15 11.04 -17.04
CA VAL D 456 -8.67 10.18 -15.99
C VAL D 456 -7.61 9.92 -14.93
N LEU D 457 -6.39 9.60 -15.36
CA LEU D 457 -5.31 9.33 -14.42
C LEU D 457 -4.95 10.57 -13.61
N LYS D 458 -5.14 11.76 -14.18
CA LYS D 458 -4.76 12.99 -13.51
C LYS D 458 -5.86 13.56 -12.62
N ASN D 459 -7.13 13.39 -13.01
CA ASN D 459 -8.24 14.03 -12.32
C ASN D 459 -9.07 13.08 -11.46
N HIS D 460 -8.91 11.77 -11.62
CA HIS D 460 -9.63 10.81 -10.81
C HIS D 460 -8.70 10.16 -9.80
N ASP D 461 -9.26 9.75 -8.66
CA ASP D 461 -8.53 9.03 -7.62
C ASP D 461 -8.84 7.55 -7.74
N LEU D 462 -7.82 6.75 -8.07
CA LEU D 462 -8.01 5.40 -8.53
C LEU D 462 -7.27 4.41 -7.63
N SER D 463 -7.79 3.19 -7.57
CA SER D 463 -7.09 2.10 -6.91
C SER D 463 -5.90 1.67 -7.74
N VAL D 464 -5.04 0.85 -7.13
CA VAL D 464 -3.89 0.28 -7.85
C VAL D 464 -4.38 -0.52 -9.05
N ARG D 465 -5.37 -1.38 -8.82
CA ARG D 465 -5.85 -2.25 -9.89
C ARG D 465 -6.51 -1.44 -11.00
N ALA D 466 -7.23 -0.38 -10.65
CA ALA D 466 -7.83 0.48 -11.65
C ALA D 466 -6.76 1.20 -12.46
N LYS D 467 -5.71 1.69 -11.79
CA LYS D 467 -4.61 2.34 -12.49
C LYS D 467 -3.91 1.39 -13.44
N MET D 468 -3.76 0.12 -13.04
CA MET D 468 -3.15 -0.88 -13.92
C MET D 468 -3.94 -1.01 -15.21
N ALA D 469 -5.27 -1.10 -15.11
CA ALA D 469 -6.09 -1.27 -16.30
C ALA D 469 -6.03 -0.03 -17.20
N ILE D 470 -6.12 1.16 -16.60
CA ILE D 470 -6.13 2.38 -17.40
C ILE D 470 -4.76 2.63 -18.01
N LYS D 471 -3.69 2.39 -17.26
CA LYS D 471 -2.35 2.52 -17.84
C LYS D 471 -2.12 1.50 -18.93
N LEU D 472 -2.74 0.32 -18.83
CA LEU D 472 -2.58 -0.70 -19.86
C LEU D 472 -3.26 -0.28 -21.16
N ARG D 473 -4.50 0.22 -21.06
CA ARG D 473 -5.19 0.67 -22.26
C ARG D 473 -4.53 1.92 -22.84
N LEU D 474 -3.99 2.79 -21.97
CA LEU D 474 -3.24 3.94 -22.45
C LEU D 474 -1.96 3.50 -23.14
N GLY D 475 -1.27 2.49 -22.59
CA GLY D 475 -0.02 2.05 -23.17
C GLY D 475 -0.19 1.44 -24.55
N GLU D 476 -1.30 0.72 -24.76
CA GLU D 476 -1.57 0.16 -26.08
C GLU D 476 -1.69 1.26 -27.12
N LYS D 477 -2.39 2.35 -26.79
CA LYS D 477 -2.59 3.42 -27.75
C LYS D 477 -1.31 4.23 -27.96
N GLU D 478 -0.53 4.43 -26.89
CA GLU D 478 0.71 5.18 -27.03
C GLU D 478 1.72 4.46 -27.92
N ILE D 479 1.70 3.13 -27.92
CA ILE D 479 2.56 2.38 -28.83
C ILE D 479 2.08 2.51 -30.27
N LEU D 480 0.76 2.48 -30.47
CA LEU D 480 0.20 2.70 -31.80
C LEU D 480 0.49 4.11 -32.29
N GLU D 481 0.34 5.10 -31.40
CA GLU D 481 0.60 6.49 -31.78
C GLU D 481 2.05 6.69 -32.18
N LYS D 482 2.98 6.06 -31.45
CA LYS D 482 4.39 6.19 -31.80
C LYS D 482 4.68 5.49 -33.12
N ALA D 483 3.98 4.39 -33.42
CA ALA D 483 4.14 3.75 -34.72
C ALA D 483 3.64 4.63 -35.86
N VAL D 484 2.57 5.39 -35.61
CA VAL D 484 2.08 6.32 -36.63
C VAL D 484 3.10 7.41 -36.91
N LYS D 485 3.65 8.01 -35.85
CA LYS D 485 4.60 9.09 -36.04
C LYS D 485 5.91 8.58 -36.63
N SER D 486 6.34 7.37 -36.24
N SER D 486 6.34 7.37 -36.24
CA SER D 486 7.55 6.79 -36.79
CA SER D 486 7.56 6.81 -36.79
C SER D 486 7.37 6.44 -38.26
C SER D 486 7.38 6.44 -38.26
N ALA D 487 6.22 5.89 -38.63
CA ALA D 487 5.97 5.54 -40.02
C ALA D 487 5.88 6.78 -40.89
N ALA D 488 5.26 7.85 -40.37
CA ALA D 488 5.19 9.09 -41.13
C ALA D 488 6.58 9.69 -41.35
N VAL D 489 7.48 9.52 -40.38
CA VAL D 489 8.85 10.02 -40.54
C VAL D 489 9.59 9.22 -41.60
N ASN D 490 9.48 7.89 -41.53
CA ASN D 490 10.14 7.05 -42.53
C ASN D 490 9.52 7.23 -43.90
N ARG D 491 8.19 7.40 -43.96
CA ARG D 491 7.53 7.64 -45.23
C ARG D 491 8.07 8.90 -45.91
N GLU D 492 8.25 9.97 -45.13
CA GLU D 492 8.73 11.23 -45.71
C GLU D 492 10.20 11.12 -46.11
N TYR D 493 11.00 10.41 -45.31
CA TYR D 493 12.42 10.27 -45.63
C TYR D 493 12.62 9.55 -46.96
N TYR D 494 11.99 8.38 -47.11
CA TYR D 494 12.17 7.60 -48.33
C TYR D 494 11.51 8.26 -49.53
N ARG D 495 10.47 9.08 -49.30
CA ARG D 495 9.89 9.83 -50.40
C ARG D 495 10.87 10.86 -50.94
N GLN D 496 11.63 11.51 -50.06
CA GLN D 496 12.65 12.45 -50.50
C GLN D 496 13.77 11.73 -51.24
N GLN D 497 14.19 10.56 -50.74
CA GLN D 497 15.18 9.77 -51.44
C GLN D 497 14.70 9.36 -52.83
N MET D 498 13.39 9.12 -52.97
CA MET D 498 12.85 8.73 -54.26
C MET D 498 12.80 9.92 -55.21
N GLU D 499 12.39 11.09 -54.72
CA GLU D 499 12.34 12.28 -55.57
C GLU D 499 13.73 12.77 -55.93
N GLU D 500 14.70 12.63 -55.01
CA GLU D 500 16.08 13.03 -55.28
C GLU D 500 16.80 12.11 -56.25
N LYS D 501 16.15 11.04 -56.70
CA LYS D 501 16.79 10.01 -57.53
C LYS D 501 18.05 9.48 -56.87
N ALA D 502 18.00 9.32 -55.54
CA ALA D 502 19.16 8.91 -54.78
C ALA D 502 19.56 7.48 -55.13
N PRO D 503 20.85 7.16 -55.09
CA PRO D 503 21.29 5.80 -55.37
C PRO D 503 20.88 4.86 -54.26
N LEU D 504 20.51 3.64 -54.64
CA LEU D 504 20.05 2.65 -53.68
C LEU D 504 21.25 1.93 -53.06
N PRO D 505 21.27 1.75 -51.74
CA PRO D 505 22.37 1.00 -51.12
C PRO D 505 22.42 -0.43 -51.64
N LYS D 506 23.63 -0.98 -51.68
CA LYS D 506 23.86 -2.32 -52.18
C LYS D 506 24.72 -3.10 -51.20
N TYR D 507 24.86 -4.40 -51.48
CA TYR D 507 25.63 -5.33 -50.65
C TYR D 507 25.11 -5.37 -49.22
#